data_9EM6
#
_entry.id   9EM6
#
_cell.length_a   58.005
_cell.length_b   90.053
_cell.length_c   81.241
_cell.angle_alpha   90.000
_cell.angle_beta   109.131
_cell.angle_gamma   90.000
#
_symmetry.space_group_name_H-M   'P 1 21 1'
#
loop_
_entity.id
_entity.type
_entity.pdbx_description
1 polymer '12-oxophytodienoate reductase 3'
2 non-polymer 'FLAVIN MONONUCLEOTIDE'
3 water water
#
_entity_poly.entity_id   1
_entity_poly.type   'polypeptide(L)'
_entity_poly.pdbx_seq_one_letter_code
;HHHHHHMASSAQDGNNPLFSPYKMGKFNLSHRVVLAPMTRCRALNNIPQAALGEYYEQRATAGGFLITEGTMISPTSAGF
PHVPGIFTKEQVREWKKIVDVVHAKGAVIFCQLWHVGRASHEVYQPAGAAPISSTEKPISNRWRILMPDGTHGIYPKPRA
IGTYEISQVVEDYRRSALNAIEAGFDGIEIHGAHGYLIDQFLKDGINDRTDEYGGSLANRCKFITQVVQAVVSAIGADRV
GVRVSPAIDHLDAMDSNPLSLGLAVVERLNKIQLHSGSKLAYLHVTQPRYVAYGQTEAGRLGSEEEEARLMRTLRNAYQG
TFICSGGYTRELGIEAVAQGDADLVSYGRLFISNPDLVMRIKLNAPLNKPNRKTFYTQDPVVGYTDYPFLQGNGSNGPLS
RL
;
_entity_poly.pdbx_strand_id   B,A
#
loop_
_chem_comp.id
_chem_comp.type
_chem_comp.name
_chem_comp.formula
FMN non-polymer 'FLAVIN MONONUCLEOTIDE' 'C17 H21 N4 O9 P'
#
# COMPACT_ATOMS: atom_id res chain seq x y z
N ASN A 16 -9.34 27.31 11.77
CA ASN A 16 -8.48 26.31 11.15
C ASN A 16 -7.07 26.39 11.75
N PRO A 17 -6.70 25.40 12.55
CA PRO A 17 -5.36 25.40 13.17
C PRO A 17 -4.20 25.43 12.17
N LEU A 18 -4.40 24.95 10.93
CA LEU A 18 -3.31 25.07 9.95
C LEU A 18 -3.01 26.52 9.62
N PHE A 19 -3.91 27.45 9.94
CA PHE A 19 -3.64 28.86 9.67
C PHE A 19 -3.41 29.66 10.95
N SER A 20 -3.15 28.99 12.03
CA SER A 20 -2.52 29.64 13.17
C SER A 20 -1.07 29.96 12.80
N PRO A 21 -0.59 31.17 13.04
CA PRO A 21 0.83 31.45 12.78
C PRO A 21 1.73 30.60 13.66
N TYR A 22 2.95 30.36 13.16
CA TYR A 22 3.93 29.57 13.90
C TYR A 22 5.30 30.20 13.79
N LYS A 23 6.00 30.26 14.93
CA LYS A 23 7.34 30.84 15.01
C LYS A 23 8.36 29.70 14.97
N MET A 24 9.04 29.58 13.83
CA MET A 24 10.07 28.58 13.61
C MET A 24 11.40 29.33 13.72
N GLY A 25 11.99 29.32 14.91
CA GLY A 25 13.21 30.08 15.11
C GLY A 25 12.92 31.55 14.89
N LYS A 26 13.71 32.20 14.04
CA LYS A 26 13.48 33.60 13.72
C LYS A 26 12.31 33.80 12.76
N PHE A 27 11.87 32.75 12.06
CA PHE A 27 10.94 32.88 10.96
C PHE A 27 9.51 32.94 11.47
N ASN A 28 8.78 33.99 11.09
CA ASN A 28 7.38 34.14 11.47
C ASN A 28 6.53 33.58 10.34
N LEU A 29 6.16 32.30 10.47
CA LEU A 29 5.35 31.68 9.44
C LEU A 29 3.88 32.03 9.66
N SER A 30 3.18 32.32 8.58
CA SER A 30 1.78 32.72 8.67
C SER A 30 0.83 31.53 8.63
N HIS A 31 1.33 30.35 8.28
CA HIS A 31 0.51 29.15 8.26
C HIS A 31 1.47 27.98 8.31
N ARG A 32 0.90 26.80 8.43
CA ARG A 32 1.65 25.61 8.79
C ARG A 32 1.67 24.57 7.68
N VAL A 33 1.29 24.97 6.45
CA VAL A 33 1.31 24.09 5.29
C VAL A 33 2.67 24.24 4.63
N VAL A 34 3.45 23.15 4.59
CA VAL A 34 4.83 23.16 4.11
C VAL A 34 4.91 22.39 2.79
N LEU A 35 5.62 22.94 1.82
CA LEU A 35 6.00 22.18 0.63
C LEU A 35 7.08 21.15 0.98
N ALA A 36 6.71 19.86 0.95
CA ALA A 36 7.67 18.79 1.19
C ALA A 36 8.70 18.70 0.06
N PRO A 37 9.92 18.23 0.36
CA PRO A 37 10.95 18.12 -0.69
C PRO A 37 10.56 17.06 -1.72
N MET A 38 10.62 17.40 -3.00
CA MET A 38 10.18 16.43 -4.01
C MET A 38 11.07 16.50 -5.25
N THR A 39 11.76 15.40 -5.50
CA THR A 39 12.49 15.17 -6.75
C THR A 39 11.53 15.23 -7.93
N ARG A 40 11.86 16.08 -8.92
CA ARG A 40 11.04 16.23 -10.12
C ARG A 40 11.83 16.09 -11.42
N CYS A 41 13.18 16.14 -11.38
CA CYS A 41 14.00 15.81 -12.55
C CYS A 41 13.84 16.80 -13.70
N ARG A 42 13.58 18.07 -13.41
CA ARG A 42 13.58 19.11 -14.45
C ARG A 42 14.88 19.90 -14.46
N ALA A 43 15.80 19.61 -13.55
CA ALA A 43 17.09 20.31 -13.47
C ALA A 43 18.08 19.65 -14.44
N LEU A 44 17.90 19.94 -15.72
CA LEU A 44 18.61 19.22 -16.77
C LEU A 44 20.12 19.31 -16.59
N ASN A 45 20.76 18.14 -16.65
CA ASN A 45 22.20 17.96 -16.46
C ASN A 45 22.69 18.53 -15.12
N ASN A 46 21.83 18.45 -14.10
CA ASN A 46 22.10 18.82 -12.72
C ASN A 46 22.19 20.33 -12.52
N ILE A 47 21.80 21.13 -13.50
CA ILE A 47 21.81 22.59 -13.39
C ILE A 47 20.37 23.04 -13.11
N PRO A 48 20.11 23.74 -12.01
CA PRO A 48 18.77 24.32 -11.84
C PRO A 48 18.38 25.14 -13.07
N GLN A 49 17.14 24.98 -13.51
CA GLN A 49 16.60 25.61 -14.71
C GLN A 49 15.55 26.66 -14.34
N ALA A 50 15.24 27.52 -15.32
CA ALA A 50 14.20 28.53 -15.13
C ALA A 50 12.86 27.92 -14.76
N ALA A 51 12.57 26.73 -15.29
CA ALA A 51 11.32 26.05 -14.95
C ALA A 51 11.19 25.84 -13.44
N LEU A 52 12.30 25.57 -12.74
CA LEU A 52 12.23 25.41 -11.28
C LEU A 52 11.81 26.71 -10.60
N GLY A 53 12.31 27.84 -11.10
CA GLY A 53 11.85 29.13 -10.59
C GLY A 53 10.35 29.32 -10.73
N GLU A 54 9.80 29.00 -11.91
CA GLU A 54 8.35 29.13 -12.08
C GLU A 54 7.61 28.16 -11.15
N TYR A 55 8.11 26.95 -11.01
CA TYR A 55 7.43 25.95 -10.20
C TYR A 55 7.39 26.34 -8.73
N TYR A 56 8.53 26.74 -8.17
CA TYR A 56 8.53 27.13 -6.75
C TYR A 56 7.79 28.45 -6.55
N GLU A 57 7.85 29.35 -7.54
CA GLU A 57 7.15 30.62 -7.41
C GLU A 57 5.63 30.43 -7.38
N GLN A 58 5.11 29.50 -8.20
CA GLN A 58 3.69 29.17 -8.18
C GLN A 58 3.24 28.74 -6.80
N ARG A 59 4.12 28.09 -6.05
CA ARG A 59 3.73 27.46 -4.79
C ARG A 59 4.04 28.31 -3.57
N ALA A 60 4.89 29.32 -3.73
CA ALA A 60 5.30 30.19 -2.64
C ALA A 60 4.13 31.04 -2.15
N THR A 61 4.03 31.21 -0.84
CA THR A 61 3.04 32.09 -0.25
C THR A 61 3.72 32.96 0.80
N ALA A 62 3.10 34.11 1.06
CA ALA A 62 3.61 35.03 2.07
C ALA A 62 3.57 34.37 3.44
N GLY A 63 4.75 34.25 4.07
CA GLY A 63 4.85 33.54 5.32
C GLY A 63 4.80 32.02 5.21
N GLY A 64 4.92 31.46 4.01
CA GLY A 64 4.92 30.02 3.83
C GLY A 64 6.33 29.46 3.73
N PHE A 65 6.50 28.21 4.16
CA PHE A 65 7.78 27.54 4.19
C PHE A 65 7.85 26.50 3.07
N LEU A 66 8.92 26.54 2.26
CA LEU A 66 9.15 25.60 1.15
C LEU A 66 10.46 24.88 1.39
N ILE A 67 10.52 23.60 1.01
CA ILE A 67 11.76 22.82 1.03
C ILE A 67 12.00 22.32 -0.40
N THR A 68 13.20 22.53 -0.92
CA THR A 68 13.42 22.10 -2.31
C THR A 68 13.50 20.58 -2.43
N GLU A 69 13.37 20.12 -3.67
CA GLU A 69 13.78 18.78 -4.08
C GLU A 69 15.17 18.47 -3.53
N GLY A 70 15.42 17.19 -3.29
CA GLY A 70 16.77 16.72 -2.98
C GLY A 70 17.82 17.22 -3.95
N THR A 71 18.94 17.74 -3.41
CA THR A 71 19.96 18.44 -4.19
C THR A 71 21.32 17.78 -3.95
N MET A 72 22.04 17.48 -5.04
CA MET A 72 23.33 16.79 -4.94
C MET A 72 24.36 17.61 -4.17
N ILE A 73 25.13 16.91 -3.31
CA ILE A 73 26.28 17.51 -2.61
C ILE A 73 27.62 17.14 -3.25
N SER A 74 27.63 16.35 -4.30
CA SER A 74 28.87 15.91 -4.92
C SER A 74 28.59 15.16 -6.22
N PRO A 75 29.60 14.95 -7.07
CA PRO A 75 29.35 14.18 -8.31
C PRO A 75 28.88 12.73 -8.08
N THR A 76 29.01 12.18 -6.88
CA THR A 76 28.64 10.79 -6.63
C THR A 76 27.32 10.65 -5.89
N SER A 77 26.59 11.75 -5.66
CA SER A 77 25.45 11.72 -4.75
C SER A 77 24.10 11.48 -5.44
N ALA A 78 24.04 11.29 -6.75
CA ALA A 78 22.73 11.22 -7.42
C ALA A 78 22.38 9.79 -7.81
N GLY A 79 21.07 9.51 -7.81
CA GLY A 79 20.51 8.25 -8.23
C GLY A 79 19.21 8.43 -9.03
N PHE A 80 19.00 9.66 -9.52
CA PHE A 80 17.89 10.07 -10.39
C PHE A 80 18.46 10.97 -11.50
N PRO A 81 17.81 11.01 -12.66
CA PRO A 81 18.31 11.87 -13.74
C PRO A 81 17.90 13.33 -13.52
N HIS A 82 18.81 14.24 -13.88
CA HIS A 82 18.50 15.69 -13.93
C HIS A 82 17.99 16.21 -12.59
N VAL A 83 18.64 15.80 -11.52
CA VAL A 83 18.37 16.39 -10.20
C VAL A 83 19.37 17.51 -10.02
N PRO A 84 18.99 18.62 -9.39
CA PRO A 84 19.94 19.74 -9.25
C PRO A 84 21.06 19.39 -8.30
N GLY A 85 22.20 20.05 -8.49
CA GLY A 85 23.27 20.04 -7.51
C GLY A 85 23.44 21.43 -6.90
N ILE A 86 24.21 21.48 -5.82
CA ILE A 86 24.64 22.76 -5.27
C ILE A 86 26.11 22.68 -4.85
N PHE A 87 26.88 21.83 -5.53
CA PHE A 87 28.30 21.68 -5.24
C PHE A 87 29.20 22.42 -6.24
N THR A 88 28.65 23.09 -7.24
CA THR A 88 29.45 23.96 -8.10
C THR A 88 28.95 25.39 -8.05
N LYS A 89 29.85 26.32 -8.41
CA LYS A 89 29.46 27.72 -8.45
C LYS A 89 28.44 28.01 -9.54
N GLU A 90 28.53 27.31 -10.68
CA GLU A 90 27.50 27.47 -11.69
C GLU A 90 26.13 27.13 -11.13
N GLN A 91 26.05 26.06 -10.33
CA GLN A 91 24.77 25.68 -9.72
C GLN A 91 24.30 26.74 -8.74
N VAL A 92 25.21 27.27 -7.91
CA VAL A 92 24.85 28.32 -6.96
C VAL A 92 24.21 29.51 -7.67
N ARG A 93 24.84 29.96 -8.76
CA ARG A 93 24.34 31.12 -9.51
C ARG A 93 22.92 30.89 -10.02
N GLU A 94 22.61 29.69 -10.51
CA GLU A 94 21.26 29.40 -10.99
C GLU A 94 20.28 29.27 -9.83
N TRP A 95 20.71 28.66 -8.71
CA TRP A 95 19.82 28.57 -7.56
C TRP A 95 19.45 29.97 -7.03
N LYS A 96 20.42 30.91 -7.04
CA LYS A 96 20.13 32.26 -6.57
C LYS A 96 18.90 32.86 -7.27
N LYS A 97 18.73 32.60 -8.58
CA LYS A 97 17.59 33.20 -9.27
C LYS A 97 16.26 32.65 -8.78
N ILE A 98 16.24 31.36 -8.42
CA ILE A 98 15.04 30.71 -7.91
C ILE A 98 14.73 31.20 -6.50
N VAL A 99 15.75 31.32 -5.67
CA VAL A 99 15.57 31.81 -4.30
C VAL A 99 15.02 33.24 -4.35
N ASP A 100 15.49 34.04 -5.31
CA ASP A 100 15.06 35.44 -5.35
C ASP A 100 13.57 35.57 -5.63
N VAL A 101 13.03 34.77 -6.56
CA VAL A 101 11.60 34.89 -6.87
C VAL A 101 10.74 34.29 -5.75
N VAL A 102 11.26 33.30 -5.03
CA VAL A 102 10.51 32.80 -3.87
C VAL A 102 10.49 33.84 -2.75
N HIS A 103 11.63 34.49 -2.48
CA HIS A 103 11.64 35.49 -1.42
C HIS A 103 10.77 36.69 -1.77
N ALA A 104 10.69 37.02 -3.06
CA ALA A 104 9.89 38.15 -3.51
C ALA A 104 8.41 37.94 -3.19
N LYS A 105 7.97 36.69 -3.06
CA LYS A 105 6.62 36.41 -2.62
C LYS A 105 6.50 36.27 -1.11
N GLY A 106 7.58 36.54 -0.37
CA GLY A 106 7.52 36.50 1.08
C GLY A 106 7.62 35.11 1.71
N ALA A 107 8.15 34.12 0.99
CA ALA A 107 8.27 32.78 1.54
C ALA A 107 9.68 32.53 2.08
N VAL A 108 9.77 31.52 2.95
CA VAL A 108 11.01 30.99 3.48
C VAL A 108 11.33 29.72 2.71
N ILE A 109 12.61 29.50 2.38
CA ILE A 109 12.95 28.31 1.59
C ILE A 109 14.27 27.69 2.06
N PHE A 110 14.26 26.39 2.29
CA PHE A 110 15.43 25.59 2.63
C PHE A 110 15.79 24.66 1.47
N CYS A 111 17.10 24.41 1.29
CA CYS A 111 17.55 23.49 0.25
C CYS A 111 17.85 22.13 0.88
N GLN A 112 17.24 21.07 0.36
CA GLN A 112 17.51 19.74 0.91
C GLN A 112 18.75 19.14 0.28
N LEU A 113 19.71 18.75 1.12
CA LEU A 113 20.97 18.14 0.69
C LEU A 113 20.86 16.62 0.70
N TRP A 114 21.08 16.00 -0.47
CA TRP A 114 20.71 14.60 -0.71
C TRP A 114 21.88 13.81 -1.28
N HIS A 115 22.34 12.79 -0.55
CA HIS A 115 23.24 11.78 -1.10
C HIS A 115 22.51 10.44 -1.08
N VAL A 116 22.39 9.80 -2.25
CA VAL A 116 21.62 8.56 -2.34
C VAL A 116 22.38 7.32 -1.90
N GLY A 117 23.71 7.39 -1.73
CA GLY A 117 24.44 6.20 -1.34
C GLY A 117 24.29 5.09 -2.36
N ARG A 118 23.93 3.90 -1.85
CA ARG A 118 23.83 2.72 -2.70
C ARG A 118 22.64 2.76 -3.65
N ALA A 119 21.72 3.72 -3.49
CA ALA A 119 20.56 3.83 -4.38
C ALA A 119 20.94 4.61 -5.65
N SER A 120 21.94 4.09 -6.37
CA SER A 120 22.37 4.73 -7.61
C SER A 120 22.68 3.62 -8.61
N HIS A 121 23.34 4.00 -9.71
CA HIS A 121 23.62 3.12 -10.83
C HIS A 121 24.85 3.66 -11.52
N GLU A 122 25.60 2.78 -12.19
CA GLU A 122 26.78 3.21 -12.92
C GLU A 122 26.49 4.36 -13.86
N VAL A 123 25.28 4.44 -14.43
CA VAL A 123 24.96 5.52 -15.37
C VAL A 123 24.98 6.88 -14.69
N TYR A 124 24.84 6.93 -13.37
CA TYR A 124 24.80 8.19 -12.64
C TYR A 124 26.12 8.52 -11.95
N GLN A 125 27.11 7.63 -12.03
CA GLN A 125 28.37 7.82 -11.32
C GLN A 125 29.49 8.25 -12.27
N PRO A 126 30.39 9.13 -11.82
CA PRO A 126 31.54 9.49 -12.64
C PRO A 126 32.34 8.26 -13.03
N ALA A 127 32.66 8.18 -14.33
CA ALA A 127 33.44 7.08 -14.91
C ALA A 127 32.77 5.72 -14.67
N GLY A 128 31.44 5.70 -14.54
CA GLY A 128 30.74 4.45 -14.27
C GLY A 128 31.16 3.73 -13.00
N ALA A 129 31.66 4.45 -11.99
CA ALA A 129 32.09 3.88 -10.72
C ALA A 129 30.90 3.29 -9.95
N ALA A 130 31.22 2.40 -9.02
CA ALA A 130 30.19 1.85 -8.15
C ALA A 130 29.70 2.91 -7.17
N PRO A 131 28.40 2.94 -6.86
CA PRO A 131 27.91 3.78 -5.75
C PRO A 131 28.60 3.45 -4.43
N ILE A 132 28.61 4.42 -3.52
CA ILE A 132 29.21 4.26 -2.19
C ILE A 132 28.14 4.04 -1.13
N SER A 133 28.53 3.44 -0.01
CA SER A 133 27.55 3.08 1.02
C SER A 133 28.29 2.69 2.29
N SER A 134 27.51 2.39 3.34
CA SER A 134 28.03 1.82 4.57
C SER A 134 28.48 0.38 4.37
N THR A 135 27.92 -0.29 3.37
CA THR A 135 27.93 -1.73 3.17
C THR A 135 28.27 -2.04 1.72
N GLU A 136 28.61 -3.32 1.43
CA GLU A 136 28.69 -3.86 0.07
C GLU A 136 27.40 -4.52 -0.38
N LYS A 137 26.39 -4.56 0.47
CA LYS A 137 25.12 -5.21 0.18
C LYS A 137 24.29 -4.34 -0.77
N PRO A 138 23.78 -4.89 -1.87
CA PRO A 138 22.92 -4.09 -2.75
C PRO A 138 21.48 -4.07 -2.27
N ILE A 139 20.75 -3.03 -2.69
CA ILE A 139 19.29 -3.08 -2.63
C ILE A 139 18.80 -4.26 -3.45
N SER A 140 17.77 -4.95 -2.96
CA SER A 140 17.33 -6.16 -3.64
C SER A 140 16.52 -5.82 -4.89
N ASN A 141 16.18 -6.86 -5.65
CA ASN A 141 15.39 -6.69 -6.86
C ASN A 141 13.91 -6.46 -6.59
N ARG A 142 13.48 -6.21 -5.35
CA ARG A 142 12.10 -5.75 -5.25
C ARG A 142 11.98 -4.24 -5.42
N TRP A 143 13.10 -3.54 -5.63
CA TRP A 143 13.08 -2.11 -5.93
C TRP A 143 13.77 -1.85 -7.26
N ARG A 144 13.40 -0.74 -7.88
CA ARG A 144 13.93 -0.35 -9.18
C ARG A 144 14.44 1.07 -9.09
N ILE A 145 15.40 1.39 -9.98
CA ILE A 145 15.91 2.74 -10.17
C ILE A 145 15.38 3.29 -11.48
N LEU A 146 15.08 4.60 -11.52
CA LEU A 146 14.68 5.22 -12.78
C LEU A 146 15.94 5.53 -13.61
N MET A 147 15.95 5.03 -14.85
CA MET A 147 17.09 5.23 -15.76
C MET A 147 16.87 6.48 -16.59
N PRO A 148 17.95 7.04 -17.16
CA PRO A 148 17.80 8.27 -17.95
C PRO A 148 16.82 8.16 -19.11
N ASP A 149 16.66 6.97 -19.68
CA ASP A 149 15.76 6.78 -20.83
C ASP A 149 14.33 6.46 -20.41
N GLY A 150 14.03 6.55 -19.12
CA GLY A 150 12.70 6.37 -18.60
C GLY A 150 12.33 4.94 -18.25
N THR A 151 13.22 3.98 -18.50
CA THR A 151 12.98 2.60 -18.11
C THR A 151 13.45 2.41 -16.68
N HIS A 152 13.24 1.21 -16.12
CA HIS A 152 13.64 0.90 -14.75
C HIS A 152 14.81 -0.07 -14.76
N GLY A 153 15.82 0.21 -13.95
CA GLY A 153 17.01 -0.59 -13.92
C GLY A 153 17.20 -1.26 -12.56
N ILE A 154 18.30 -1.98 -12.45
CA ILE A 154 18.61 -2.81 -11.29
C ILE A 154 19.70 -2.12 -10.47
N TYR A 155 19.48 -2.02 -9.16
CA TYR A 155 20.51 -1.44 -8.30
C TYR A 155 21.71 -2.39 -8.22
N PRO A 156 22.93 -1.88 -8.35
CA PRO A 156 24.11 -2.74 -8.29
C PRO A 156 24.77 -2.80 -6.93
N LYS A 157 25.85 -3.57 -6.83
CA LYS A 157 26.60 -3.69 -5.59
C LYS A 157 27.34 -2.39 -5.27
N PRO A 158 27.18 -1.83 -4.07
CA PRO A 158 27.93 -0.63 -3.70
C PRO A 158 29.33 -0.97 -3.19
N ARG A 159 30.14 0.07 -3.03
CA ARG A 159 31.43 -0.01 -2.38
C ARG A 159 31.31 0.54 -0.97
N ALA A 160 31.89 -0.16 0.01
CA ALA A 160 31.80 0.26 1.40
C ALA A 160 32.95 1.22 1.74
N ILE A 161 32.61 2.41 2.20
CA ILE A 161 33.62 3.45 2.40
C ILE A 161 34.20 3.36 3.80
N GLY A 162 35.48 3.73 3.92
CA GLY A 162 36.17 3.75 5.19
C GLY A 162 36.15 5.12 5.85
N THR A 163 36.84 5.19 7.00
CA THR A 163 36.70 6.34 7.90
C THR A 163 37.13 7.64 7.24
N TYR A 164 38.20 7.60 6.46
CA TYR A 164 38.68 8.82 5.83
C TYR A 164 37.68 9.30 4.78
N GLU A 165 37.16 8.38 3.98
CA GLU A 165 36.20 8.77 2.95
C GLU A 165 34.87 9.24 3.57
N ILE A 166 34.46 8.65 4.70
CA ILE A 166 33.30 9.17 5.44
C ILE A 166 33.50 10.64 5.76
N SER A 167 34.70 11.00 6.24
CA SER A 167 34.98 12.39 6.57
C SER A 167 34.98 13.28 5.33
N GLN A 168 35.31 12.73 4.15
CA GLN A 168 35.22 13.51 2.92
C GLN A 168 33.75 13.77 2.53
N VAL A 169 32.90 12.77 2.67
CA VAL A 169 31.46 12.95 2.41
C VAL A 169 30.87 13.98 3.36
N VAL A 170 31.29 13.95 4.62
CA VAL A 170 30.86 14.97 5.58
C VAL A 170 31.28 16.35 5.10
N GLU A 171 32.52 16.50 4.63
CA GLU A 171 32.96 17.77 4.09
C GLU A 171 32.14 18.17 2.86
N ASP A 172 31.66 17.19 2.08
CA ASP A 172 30.79 17.52 0.95
C ASP A 172 29.49 18.14 1.45
N TYR A 173 28.93 17.60 2.55
CA TYR A 173 27.74 18.22 3.15
C TYR A 173 28.05 19.65 3.60
N ARG A 174 29.20 19.85 4.23
CA ARG A 174 29.56 21.17 4.76
C ARG A 174 29.71 22.18 3.63
N ARG A 175 30.43 21.82 2.56
CA ARG A 175 30.63 22.73 1.44
C ARG A 175 29.30 23.04 0.74
N SER A 176 28.45 22.04 0.59
CA SER A 176 27.14 22.29 -0.01
C SER A 176 26.28 23.18 0.87
N ALA A 177 26.33 22.99 2.20
CA ALA A 177 25.57 23.88 3.08
C ALA A 177 26.03 25.34 2.93
N LEU A 178 27.35 25.56 2.89
CA LEU A 178 27.87 26.90 2.66
C LEU A 178 27.42 27.46 1.30
N ASN A 179 27.43 26.62 0.26
CA ASN A 179 26.98 27.06 -1.05
C ASN A 179 25.50 27.45 -1.02
N ALA A 180 24.69 26.70 -0.26
CA ALA A 180 23.27 27.05 -0.19
C ALA A 180 23.07 28.43 0.44
N ILE A 181 23.82 28.71 1.49
CA ILE A 181 23.75 30.04 2.12
C ILE A 181 24.21 31.11 1.16
N GLU A 182 25.27 30.82 0.39
CA GLU A 182 25.75 31.77 -0.62
C GLU A 182 24.69 32.06 -1.66
N ALA A 183 23.87 31.06 -2.01
CA ALA A 183 22.79 31.26 -2.95
C ALA A 183 21.60 32.00 -2.35
N GLY A 184 21.60 32.24 -1.05
CA GLY A 184 20.51 32.97 -0.43
C GLY A 184 19.48 32.12 0.28
N PHE A 185 19.61 30.79 0.28
CA PHE A 185 18.67 29.95 1.02
C PHE A 185 18.61 30.35 2.49
N ASP A 186 17.41 30.25 3.07
CA ASP A 186 17.24 30.53 4.50
C ASP A 186 17.86 29.44 5.37
N GLY A 187 18.10 28.26 4.80
CA GLY A 187 18.73 27.18 5.53
C GLY A 187 18.79 25.95 4.65
N ILE A 188 19.22 24.83 5.24
CA ILE A 188 19.29 23.55 4.54
C ILE A 188 18.58 22.47 5.35
N GLU A 189 18.16 21.41 4.66
CA GLU A 189 17.61 20.23 5.29
C GLU A 189 18.50 19.05 4.97
N ILE A 190 18.90 18.29 5.99
CA ILE A 190 19.64 17.05 5.77
C ILE A 190 18.66 15.92 5.43
N HIS A 191 18.79 15.35 4.22
CA HIS A 191 17.98 14.20 3.84
C HIS A 191 18.59 12.98 4.51
N GLY A 192 18.05 12.62 5.68
CA GLY A 192 18.54 11.44 6.39
C GLY A 192 17.55 10.30 6.40
N ALA A 193 16.71 10.22 5.35
CA ALA A 193 15.52 9.37 5.36
C ALA A 193 15.52 8.41 4.16
N HIS A 194 14.48 7.55 4.13
CA HIS A 194 14.02 6.81 2.94
C HIS A 194 15.06 5.85 2.35
N GLY A 195 15.97 5.34 3.19
CA GLY A 195 16.96 4.37 2.74
C GLY A 195 18.10 4.92 1.89
N TYR A 196 18.36 6.22 1.91
CA TYR A 196 19.47 6.84 1.19
C TYR A 196 20.73 6.80 2.08
N LEU A 197 21.77 7.58 1.78
CA LEU A 197 23.09 7.29 2.35
C LEU A 197 23.09 7.29 3.89
N ILE A 198 22.50 8.33 4.50
CA ILE A 198 22.52 8.40 5.96
C ILE A 198 21.74 7.25 6.55
N ASP A 199 20.59 6.92 5.95
CA ASP A 199 19.76 5.83 6.45
C ASP A 199 20.45 4.48 6.30
N GLN A 200 21.37 4.36 5.34
CA GLN A 200 22.18 3.17 5.17
C GLN A 200 23.15 2.97 6.32
N PHE A 201 23.51 4.04 7.03
CA PHE A 201 24.23 3.90 8.28
C PHE A 201 23.29 3.69 9.47
N LEU A 202 22.12 4.36 9.48
CA LEU A 202 21.19 4.28 10.60
C LEU A 202 20.59 2.89 10.78
N LYS A 203 20.13 2.27 9.69
CA LYS A 203 19.26 1.10 9.76
C LYS A 203 20.06 -0.19 9.95
N ASP A 204 19.74 -0.97 10.99
CA ASP A 204 20.54 -2.18 11.21
C ASP A 204 20.21 -3.29 10.21
N GLY A 205 19.15 -3.12 9.41
CA GLY A 205 18.93 -4.00 8.27
C GLY A 205 19.88 -3.75 7.10
N ILE A 206 20.60 -2.64 7.10
CA ILE A 206 21.57 -2.30 6.07
C ILE A 206 22.99 -2.31 6.60
N ASN A 207 23.21 -1.69 7.77
CA ASN A 207 24.55 -1.43 8.28
C ASN A 207 25.09 -2.69 8.94
N ASP A 208 25.99 -3.39 8.23
CA ASP A 208 26.66 -4.58 8.73
C ASP A 208 28.13 -4.30 9.05
N ARG A 209 28.45 -3.06 9.40
CA ARG A 209 29.82 -2.71 9.75
C ARG A 209 30.17 -3.21 11.14
N THR A 210 31.46 -3.42 11.36
CA THR A 210 31.98 -3.78 12.67
C THR A 210 32.96 -2.75 13.22
N ASP A 211 33.18 -1.65 12.52
CA ASP A 211 34.06 -0.60 13.00
C ASP A 211 33.26 0.36 13.87
N GLU A 212 33.77 1.57 14.09
CA GLU A 212 33.09 2.48 15.00
C GLU A 212 31.81 3.09 14.40
N TYR A 213 31.46 2.75 13.14
CA TYR A 213 30.20 3.20 12.53
C TYR A 213 29.14 2.11 12.45
N GLY A 214 29.38 0.92 13.00
CA GLY A 214 28.43 -0.17 12.90
C GLY A 214 28.18 -0.81 14.25
N GLY A 215 27.09 -1.58 14.32
CA GLY A 215 26.77 -2.29 15.54
C GLY A 215 25.76 -1.61 16.45
N SER A 216 26.24 -1.01 17.54
CA SER A 216 25.37 -0.42 18.55
C SER A 216 24.57 0.75 17.97
N LEU A 217 23.53 1.14 18.70
CA LEU A 217 22.79 2.36 18.32
C LEU A 217 23.71 3.56 18.24
N ALA A 218 24.60 3.72 19.23
CA ALA A 218 25.52 4.85 19.22
C ALA A 218 26.38 4.87 17.94
N ASN A 219 26.92 3.71 17.57
CA ASN A 219 27.77 3.65 16.38
C ASN A 219 26.98 3.93 15.10
N ARG A 220 25.76 3.39 15.02
CA ARG A 220 24.94 3.62 13.83
C ARG A 220 24.53 5.08 13.68
N CYS A 221 24.45 5.82 14.78
CA CYS A 221 24.11 7.24 14.77
C CYS A 221 25.31 8.14 14.58
N LYS A 222 26.53 7.58 14.52
CA LYS A 222 27.69 8.45 14.38
C LYS A 222 27.66 9.25 13.08
N PHE A 223 27.33 8.59 11.97
CA PHE A 223 27.39 9.29 10.68
C PHE A 223 26.43 10.48 10.65
N ILE A 224 25.15 10.28 11.02
CA ILE A 224 24.24 11.42 10.99
C ILE A 224 24.70 12.50 11.95
N THR A 225 25.24 12.10 13.12
CA THR A 225 25.71 13.09 14.07
C THR A 225 26.86 13.90 13.48
N GLN A 226 27.80 13.23 12.81
CA GLN A 226 28.93 13.91 12.17
C GLN A 226 28.46 14.91 11.10
N VAL A 227 27.52 14.48 10.25
CA VAL A 227 26.99 15.33 9.18
C VAL A 227 26.30 16.56 9.77
N VAL A 228 25.41 16.36 10.75
CA VAL A 228 24.68 17.47 11.33
C VAL A 228 25.65 18.43 12.05
N GLN A 229 26.58 17.86 12.83
CA GLN A 229 27.56 18.71 13.52
C GLN A 229 28.37 19.53 12.55
N ALA A 230 28.79 18.93 11.43
CA ALA A 230 29.59 19.67 10.48
C ALA A 230 28.82 20.83 9.87
N VAL A 231 27.55 20.62 9.50
CA VAL A 231 26.82 21.73 8.91
C VAL A 231 26.46 22.77 9.97
N VAL A 232 26.11 22.33 11.19
CA VAL A 232 25.81 23.26 12.29
C VAL A 232 27.00 24.19 12.55
N SER A 233 28.21 23.63 12.60
CA SER A 233 29.41 24.43 12.83
C SER A 233 29.76 25.35 11.66
N ALA A 234 29.19 25.11 10.47
CA ALA A 234 29.49 25.95 9.32
C ALA A 234 28.51 27.10 9.17
N ILE A 235 27.21 26.86 9.35
CA ILE A 235 26.20 27.89 9.11
C ILE A 235 25.33 28.18 10.31
N GLY A 236 25.44 27.44 11.41
CA GLY A 236 24.59 27.70 12.57
C GLY A 236 23.39 26.76 12.66
N ALA A 237 23.07 26.34 13.89
CA ALA A 237 22.01 25.34 14.07
C ALA A 237 20.66 25.86 13.59
N ASP A 238 20.45 27.18 13.67
CA ASP A 238 19.16 27.75 13.32
C ASP A 238 18.85 27.60 11.83
N ARG A 239 19.87 27.34 11.01
CA ARG A 239 19.69 27.21 9.58
C ARG A 239 19.77 25.75 9.12
N VAL A 240 19.59 24.80 10.04
CA VAL A 240 19.72 23.39 9.74
C VAL A 240 18.47 22.66 10.18
N GLY A 241 17.79 22.01 9.24
CA GLY A 241 16.74 21.05 9.58
C GLY A 241 17.18 19.64 9.31
N VAL A 242 16.57 18.63 9.94
CA VAL A 242 16.97 17.24 9.76
C VAL A 242 15.74 16.39 9.45
N ARG A 243 15.81 15.57 8.39
CA ARG A 243 14.72 14.67 8.01
C ARG A 243 15.12 13.21 8.18
N VAL A 244 14.30 12.42 8.89
CA VAL A 244 14.55 10.99 9.10
C VAL A 244 13.23 10.26 8.92
N SER A 245 13.30 8.93 8.81
CA SER A 245 12.12 8.09 8.63
C SER A 245 12.39 6.71 9.22
N PRO A 246 12.46 6.61 10.57
CA PRO A 246 12.86 5.33 11.18
C PRO A 246 11.93 4.19 10.86
N ALA A 247 10.66 4.45 10.55
CA ALA A 247 9.67 3.40 10.35
C ALA A 247 9.34 3.14 8.90
N ILE A 248 10.04 3.78 7.97
CA ILE A 248 9.82 3.57 6.54
C ILE A 248 10.93 2.66 6.02
N ASP A 249 10.58 1.56 5.36
CA ASP A 249 11.60 0.60 4.92
C ASP A 249 11.82 0.63 3.41
N HIS A 250 11.46 1.72 2.75
CA HIS A 250 11.84 2.03 1.36
C HIS A 250 13.26 1.61 1.05
N LEU A 251 13.45 0.92 -0.10
CA LEU A 251 14.80 0.50 -0.56
C LEU A 251 15.49 -0.41 0.47
N ASP A 252 14.72 -1.33 1.04
CA ASP A 252 15.23 -2.34 1.98
C ASP A 252 15.87 -1.71 3.21
N ALA A 253 15.26 -0.67 3.75
CA ALA A 253 15.86 0.06 4.86
C ALA A 253 15.10 -0.22 6.14
N MET A 254 15.13 -1.45 6.59
CA MET A 254 14.40 -1.81 7.79
C MET A 254 15.31 -1.79 9.01
N ASP A 255 14.72 -1.49 10.16
CA ASP A 255 15.42 -1.61 11.44
C ASP A 255 14.62 -2.55 12.35
N SER A 256 15.36 -3.34 13.14
CA SER A 256 14.72 -4.30 14.04
C SER A 256 13.85 -3.61 15.11
N ASN A 257 14.15 -2.36 15.45
CA ASN A 257 13.36 -1.63 16.45
C ASN A 257 13.27 -0.16 16.04
N PRO A 258 12.36 0.16 15.11
CA PRO A 258 12.24 1.55 14.62
C PRO A 258 12.04 2.60 15.69
N LEU A 259 11.20 2.35 16.71
CA LEU A 259 11.01 3.40 17.73
C LEU A 259 12.29 3.62 18.51
N SER A 260 13.00 2.54 18.86
CA SER A 260 14.29 2.69 19.53
C SER A 260 15.29 3.43 18.66
N LEU A 261 15.37 3.11 17.38
CA LEU A 261 16.26 3.87 16.50
C LEU A 261 15.86 5.33 16.44
N GLY A 262 14.56 5.59 16.29
CA GLY A 262 14.08 6.97 16.22
C GLY A 262 14.44 7.79 17.44
N LEU A 263 14.22 7.21 18.64
CA LEU A 263 14.56 7.92 19.87
C LEU A 263 16.07 8.12 20.00
N ALA A 264 16.86 7.14 19.56
CA ALA A 264 18.31 7.29 19.61
C ALA A 264 18.78 8.46 18.75
N VAL A 265 18.22 8.59 17.54
CA VAL A 265 18.51 9.75 16.72
C VAL A 265 18.11 11.03 17.44
N VAL A 266 16.88 11.07 17.97
CA VAL A 266 16.39 12.27 18.63
C VAL A 266 17.29 12.67 19.78
N GLU A 267 17.71 11.69 20.59
CA GLU A 267 18.69 11.91 21.65
C GLU A 267 19.94 12.62 21.14
N ARG A 268 20.50 12.16 20.00
CA ARG A 268 21.71 12.80 19.49
CA ARG A 268 21.70 12.79 19.47
C ARG A 268 21.45 14.24 19.07
N LEU A 269 20.27 14.51 18.47
CA LEU A 269 19.93 15.87 18.05
C LEU A 269 19.76 16.78 19.26
N ASN A 270 19.08 16.29 20.30
CA ASN A 270 18.94 17.10 21.51
C ASN A 270 20.30 17.43 22.10
N LYS A 271 21.24 16.49 22.02
CA LYS A 271 22.58 16.70 22.55
C LYS A 271 23.39 17.69 21.72
N ILE A 272 23.31 17.59 20.40
CA ILE A 272 23.92 18.60 19.53
C ILE A 272 23.40 19.98 19.89
N GLN A 273 22.08 20.10 20.16
CA GLN A 273 21.50 21.41 20.45
C GLN A 273 22.02 21.98 21.75
N LEU A 274 22.11 21.16 22.78
CA LEU A 274 22.61 21.64 24.07
C LEU A 274 24.08 22.07 23.97
N HIS A 275 24.91 21.27 23.31
CA HIS A 275 26.32 21.62 23.17
C HIS A 275 26.53 22.80 22.22
N SER A 276 25.70 22.94 21.19
CA SER A 276 25.86 24.09 20.32
C SER A 276 25.21 25.35 20.90
N GLY A 277 24.40 25.23 21.95
CA GLY A 277 23.75 26.37 22.55
C GLY A 277 22.55 26.92 21.81
N SER A 278 22.00 26.21 20.83
CA SER A 278 20.81 26.68 20.14
C SER A 278 20.15 25.52 19.42
N LYS A 279 18.88 25.70 19.06
CA LYS A 279 18.10 24.62 18.48
C LYS A 279 18.26 24.59 16.96
N LEU A 280 18.13 23.39 16.41
CA LEU A 280 17.95 23.22 14.98
C LEU A 280 16.69 23.93 14.52
N ALA A 281 16.61 24.19 13.22
CA ALA A 281 15.38 24.75 12.67
C ALA A 281 14.19 23.84 12.94
N TYR A 282 14.38 22.52 12.80
CA TYR A 282 13.31 21.55 13.00
C TYR A 282 13.85 20.13 12.84
N LEU A 283 13.02 19.19 13.28
CA LEU A 283 13.07 17.78 12.95
C LEU A 283 11.85 17.47 12.09
N HIS A 284 12.09 16.80 10.96
CA HIS A 284 11.10 16.47 9.94
C HIS A 284 11.04 14.95 9.83
N VAL A 285 9.87 14.36 10.05
CA VAL A 285 9.75 12.90 10.08
C VAL A 285 8.67 12.46 9.11
N THR A 286 9.00 11.54 8.22
CA THR A 286 8.01 10.97 7.31
C THR A 286 7.54 9.66 7.91
N GLN A 287 6.27 9.45 7.92
CA GLN A 287 5.73 8.27 8.53
C GLN A 287 5.21 7.32 7.46
N PRO A 288 5.25 6.03 7.72
CA PRO A 288 4.59 5.09 6.82
C PRO A 288 3.09 5.35 6.86
N ARG A 289 2.46 5.15 5.73
CA ARG A 289 1.05 5.43 5.58
C ARG A 289 0.47 4.28 4.77
N TYR A 290 -0.49 3.57 5.33
CA TYR A 290 -1.02 2.38 4.69
C TYR A 290 -2.37 2.72 4.06
N VAL A 291 -2.43 2.66 2.73
CA VAL A 291 -3.68 2.88 2.05
C VAL A 291 -4.68 1.82 2.47
N ALA A 292 -5.86 2.27 2.91
CA ALA A 292 -6.96 1.37 3.23
C ALA A 292 -7.62 0.98 1.91
N TYR A 293 -7.36 -0.25 1.45
CA TYR A 293 -7.93 -0.73 0.19
C TYR A 293 -9.44 -0.93 0.34
N GLY A 294 -10.19 -0.42 -0.63
CA GLY A 294 -11.63 -0.59 -0.62
C GLY A 294 -12.11 -1.91 -1.19
N GLN A 295 -11.25 -2.62 -1.92
CA GLN A 295 -11.61 -3.86 -2.60
C GLN A 295 -11.61 -5.08 -1.69
N THR A 296 -11.04 -4.99 -0.49
CA THR A 296 -10.90 -6.11 0.42
C THR A 296 -11.99 -6.09 1.49
N GLU A 297 -12.11 -7.23 2.19
CA GLU A 297 -13.13 -7.37 3.23
C GLU A 297 -12.89 -6.40 4.38
N ALA A 298 -11.65 -6.29 4.83
CA ALA A 298 -11.32 -5.55 6.06
C ALA A 298 -10.43 -4.35 5.83
N GLY A 299 -10.14 -4.00 4.57
CA GLY A 299 -9.25 -2.87 4.31
C GLY A 299 -9.71 -1.58 4.96
N ARG A 300 -11.01 -1.33 4.98
CA ARG A 300 -11.54 -0.10 5.54
C ARG A 300 -11.75 -0.16 7.05
N LEU A 301 -11.35 -1.23 7.71
CA LEU A 301 -11.46 -1.33 9.15
C LEU A 301 -10.13 -1.07 9.84
N GLY A 302 -9.13 -0.58 9.11
CA GLY A 302 -7.80 -0.45 9.65
C GLY A 302 -7.69 0.66 10.70
N SER A 303 -6.57 0.61 11.43
CA SER A 303 -6.25 1.59 12.46
C SER A 303 -4.86 2.17 12.21
N GLU A 304 -4.71 3.48 12.38
CA GLU A 304 -3.42 4.12 12.28
C GLU A 304 -2.85 4.48 13.65
N GLU A 305 -3.43 3.95 14.73
CA GLU A 305 -3.06 4.39 16.07
C GLU A 305 -1.61 4.07 16.39
N GLU A 306 -1.13 2.89 16.00
CA GLU A 306 0.25 2.52 16.32
C GLU A 306 1.25 3.45 15.64
N GLU A 307 1.07 3.72 14.33
CA GLU A 307 1.98 4.64 13.65
C GLU A 307 1.86 6.05 14.24
N ALA A 308 0.67 6.45 14.67
CA ALA A 308 0.50 7.78 15.26
C ALA A 308 1.23 7.88 16.59
N ARG A 309 1.20 6.82 17.40
CA ARG A 309 1.89 6.83 18.68
C ARG A 309 3.39 6.88 18.51
N LEU A 310 3.90 6.25 17.45
CA LEU A 310 5.32 6.35 17.14
C LEU A 310 5.69 7.81 16.85
N MET A 311 4.96 8.44 15.94
CA MET A 311 5.21 9.84 15.60
C MET A 311 5.08 10.75 16.81
N ARG A 312 4.04 10.56 17.62
CA ARG A 312 3.88 11.41 18.78
C ARG A 312 5.01 11.20 19.77
N THR A 313 5.51 9.97 19.92
CA THR A 313 6.61 9.75 20.85
C THR A 313 7.89 10.41 20.38
N LEU A 314 8.19 10.37 19.05
CA LEU A 314 9.35 11.09 18.57
C LEU A 314 9.21 12.58 18.82
N ARG A 315 8.02 13.14 18.55
CA ARG A 315 7.78 14.56 18.76
C ARG A 315 7.95 14.93 20.23
N ASN A 316 7.34 14.13 21.12
CA ASN A 316 7.47 14.38 22.55
C ASN A 316 8.94 14.35 22.99
N ALA A 317 9.75 13.51 22.36
CA ALA A 317 11.14 13.35 22.79
C ALA A 317 12.06 14.45 22.27
N TYR A 318 11.70 15.09 21.16
CA TYR A 318 12.56 16.07 20.52
C TYR A 318 12.30 17.47 21.07
N GLN A 319 13.37 18.14 21.48
CA GLN A 319 13.28 19.52 21.99
C GLN A 319 13.34 20.52 20.83
N GLY A 320 12.18 20.77 20.22
CA GLY A 320 12.08 21.78 19.18
C GLY A 320 10.90 21.53 18.24
N THR A 321 11.00 22.17 17.07
CA THR A 321 9.94 22.21 16.07
C THR A 321 9.85 20.87 15.34
N PHE A 322 8.63 20.35 15.18
CA PHE A 322 8.42 19.05 14.56
C PHE A 322 7.55 19.20 13.33
N ILE A 323 8.05 18.70 12.19
CA ILE A 323 7.30 18.66 10.94
C ILE A 323 6.92 17.22 10.68
N CYS A 324 5.63 16.95 10.49
CA CYS A 324 5.20 15.62 10.12
C CYS A 324 4.89 15.56 8.62
N SER A 325 5.02 14.37 8.06
CA SER A 325 4.82 14.18 6.62
C SER A 325 4.46 12.74 6.34
N GLY A 326 3.81 12.52 5.19
CA GLY A 326 3.50 11.19 4.72
C GLY A 326 1.99 10.95 4.72
N GLY A 327 1.37 11.12 3.56
CA GLY A 327 -0.06 10.84 3.44
C GLY A 327 -0.98 11.83 4.12
N TYR A 328 -0.52 13.03 4.42
CA TYR A 328 -1.39 13.99 5.07
C TYR A 328 -2.38 14.59 4.09
N THR A 329 -3.58 14.82 4.59
CA THR A 329 -4.70 15.47 3.93
C THR A 329 -5.04 16.73 4.69
N ARG A 330 -6.01 17.49 4.16
CA ARG A 330 -6.54 18.63 4.88
C ARG A 330 -6.97 18.24 6.29
N GLU A 331 -7.79 17.20 6.39
CA GLU A 331 -8.34 16.82 7.69
C GLU A 331 -7.24 16.30 8.61
N LEU A 332 -6.30 15.51 8.08
CA LEU A 332 -5.26 14.96 8.95
C LEU A 332 -4.29 16.03 9.41
N GLY A 333 -3.99 17.01 8.55
CA GLY A 333 -3.13 18.10 8.97
C GLY A 333 -3.76 18.96 10.04
N ILE A 334 -5.05 19.25 9.91
CA ILE A 334 -5.75 20.01 10.93
C ILE A 334 -5.69 19.28 12.27
N GLU A 335 -5.96 17.97 12.26
CA GLU A 335 -5.95 17.18 13.49
C GLU A 335 -4.54 17.11 14.08
N ALA A 336 -3.51 16.98 13.22
CA ALA A 336 -2.15 16.90 13.74
C ALA A 336 -1.79 18.17 14.52
N VAL A 337 -2.12 19.34 13.99
CA VAL A 337 -1.79 20.58 14.71
C VAL A 337 -2.69 20.73 15.93
N ALA A 338 -3.99 20.48 15.77
CA ALA A 338 -4.95 20.70 16.84
C ALA A 338 -4.63 19.84 18.05
N GLN A 339 -4.22 18.59 17.84
CA GLN A 339 -3.90 17.69 18.94
C GLN A 339 -2.48 17.89 19.49
N GLY A 340 -1.70 18.81 18.94
CA GLY A 340 -0.33 18.96 19.39
C GLY A 340 0.64 17.93 18.88
N ASP A 341 0.28 17.17 17.84
CA ASP A 341 1.15 16.10 17.35
C ASP A 341 2.26 16.61 16.44
N ALA A 342 2.12 17.82 15.90
CA ALA A 342 3.15 18.45 15.09
C ALA A 342 2.96 19.96 15.11
N ASP A 343 4.03 20.67 14.77
CA ASP A 343 3.96 22.11 14.60
C ASP A 343 3.66 22.50 13.15
N LEU A 344 4.18 21.73 12.21
CA LEU A 344 4.05 22.01 10.78
C LEU A 344 3.78 20.69 10.07
N VAL A 345 3.10 20.78 8.93
CA VAL A 345 2.65 19.61 8.17
C VAL A 345 3.13 19.83 6.74
N SER A 346 3.96 18.92 6.24
CA SER A 346 4.41 19.06 4.86
C SER A 346 3.63 18.13 3.95
N TYR A 347 3.36 18.62 2.74
CA TYR A 347 2.55 17.96 1.72
C TYR A 347 3.39 17.77 0.48
N GLY A 348 3.36 16.56 -0.09
CA GLY A 348 4.05 16.31 -1.33
C GLY A 348 3.13 16.25 -2.54
N ARG A 349 2.48 15.11 -2.74
CA ARG A 349 1.74 14.82 -3.95
C ARG A 349 0.63 15.84 -4.21
N LEU A 350 -0.06 16.31 -3.16
CA LEU A 350 -1.10 17.31 -3.41
C LEU A 350 -0.49 18.66 -3.78
N PHE A 351 0.75 18.93 -3.35
CA PHE A 351 1.40 20.15 -3.76
C PHE A 351 1.92 20.06 -5.21
N ILE A 352 2.18 18.85 -5.71
CA ILE A 352 2.52 18.69 -7.12
C ILE A 352 1.41 19.23 -7.99
N SER A 353 0.17 18.81 -7.68
CA SER A 353 -0.96 19.07 -8.57
C SER A 353 -1.75 20.31 -8.20
N ASN A 354 -1.46 20.94 -7.08
CA ASN A 354 -2.17 22.15 -6.65
C ASN A 354 -1.14 23.22 -6.35
N PRO A 355 -0.82 24.08 -7.31
CA PRO A 355 0.15 25.15 -7.02
C PRO A 355 -0.34 26.04 -5.90
N ASP A 356 -1.65 26.26 -5.82
CA ASP A 356 -2.24 27.04 -4.74
C ASP A 356 -2.80 26.13 -3.66
N LEU A 357 -2.05 25.10 -3.25
CA LEU A 357 -2.55 24.17 -2.23
C LEU A 357 -2.90 24.90 -0.94
N VAL A 358 -2.10 25.90 -0.57
CA VAL A 358 -2.34 26.60 0.70
C VAL A 358 -3.72 27.24 0.68
N MET A 359 -4.04 27.96 -0.40
CA MET A 359 -5.35 28.60 -0.51
C MET A 359 -6.48 27.60 -0.59
N ARG A 360 -6.29 26.50 -1.34
CA ARG A 360 -7.32 25.47 -1.43
C ARG A 360 -7.62 24.85 -0.08
N ILE A 361 -6.59 24.60 0.74
CA ILE A 361 -6.84 24.08 2.09
C ILE A 361 -7.54 25.13 2.95
N LYS A 362 -7.14 26.40 2.83
CA LYS A 362 -7.80 27.45 3.60
C LYS A 362 -9.30 27.48 3.30
N LEU A 363 -9.67 27.38 2.03
CA LEU A 363 -11.05 27.50 1.59
C LEU A 363 -11.79 26.19 1.60
N ASN A 364 -11.10 25.08 1.87
CA ASN A 364 -11.66 23.75 1.78
C ASN A 364 -12.21 23.51 0.37
N ALA A 365 -11.43 23.92 -0.64
CA ALA A 365 -11.76 23.82 -2.04
C ALA A 365 -11.38 22.45 -2.59
N PRO A 366 -11.96 22.04 -3.72
CA PRO A 366 -11.53 20.77 -4.32
C PRO A 366 -10.07 20.81 -4.72
N LEU A 367 -9.44 19.64 -4.76
CA LEU A 367 -8.02 19.51 -5.08
C LEU A 367 -7.83 18.74 -6.39
N ASN A 368 -6.96 19.26 -7.26
CA ASN A 368 -6.57 18.54 -8.45
C ASN A 368 -5.93 17.21 -8.09
N LYS A 369 -6.12 16.21 -8.95
CA LYS A 369 -5.45 14.93 -8.78
C LYS A 369 -4.06 14.96 -9.40
N PRO A 370 -3.03 14.41 -8.76
CA PRO A 370 -1.72 14.39 -9.39
C PRO A 370 -1.58 13.24 -10.39
N ASN A 371 -0.82 13.49 -11.46
CA ASN A 371 -0.55 12.51 -12.52
C ASN A 371 0.85 11.95 -12.34
N ARG A 372 0.95 10.71 -11.81
CA ARG A 372 2.24 10.12 -11.50
C ARG A 372 3.12 9.98 -12.74
N LYS A 373 2.51 9.89 -13.91
CA LYS A 373 3.28 9.68 -15.13
C LYS A 373 4.26 10.82 -15.42
N THR A 374 4.00 12.03 -14.91
CA THR A 374 4.90 13.16 -15.15
C THR A 374 5.59 13.65 -13.88
N PHE A 375 5.64 12.82 -12.82
CA PHE A 375 6.42 13.19 -11.64
C PHE A 375 7.89 13.42 -12.00
N TYR A 376 8.46 12.57 -12.88
CA TYR A 376 9.91 12.54 -13.06
C TYR A 376 10.33 12.72 -14.52
N THR A 377 9.44 13.22 -15.36
CA THR A 377 9.77 13.52 -16.75
C THR A 377 10.50 14.88 -16.85
N GLN A 378 10.99 15.23 -18.05
CA GLN A 378 11.86 16.38 -18.16
C GLN A 378 11.22 17.64 -18.70
N ASP A 379 9.96 17.61 -19.13
CA ASP A 379 9.37 18.79 -19.75
C ASP A 379 9.32 19.96 -18.76
N PRO A 380 9.69 21.17 -19.17
CA PRO A 380 9.68 22.28 -18.22
C PRO A 380 8.27 22.76 -17.85
N VAL A 381 7.23 22.28 -18.55
CA VAL A 381 5.86 22.74 -18.38
C VAL A 381 4.93 21.58 -18.06
N VAL A 382 4.87 20.59 -18.98
CA VAL A 382 3.88 19.51 -18.90
C VAL A 382 4.05 18.70 -17.60
N GLY A 383 2.98 18.64 -16.81
CA GLY A 383 3.02 17.97 -15.51
C GLY A 383 3.85 18.65 -14.46
N TYR A 384 4.26 19.90 -14.68
CA TYR A 384 5.18 20.59 -13.79
C TYR A 384 4.61 21.94 -13.39
N THR A 385 4.36 22.81 -14.35
CA THR A 385 3.79 24.11 -14.04
C THR A 385 2.39 24.32 -14.62
N ASP A 386 1.80 23.32 -15.27
CA ASP A 386 0.51 23.51 -15.94
C ASP A 386 -0.65 22.92 -15.16
N TYR A 387 -0.46 22.57 -13.88
CA TYR A 387 -1.61 22.28 -13.03
C TYR A 387 -2.33 23.60 -12.74
N PRO A 388 -3.66 23.65 -12.87
CA PRO A 388 -4.36 24.93 -12.79
C PRO A 388 -4.58 25.44 -11.37
N PHE A 389 -4.58 26.77 -11.25
CA PHE A 389 -5.03 27.45 -10.05
C PHE A 389 -6.57 27.41 -9.91
N LEU A 390 -7.05 27.72 -8.71
CA LEU A 390 -8.49 27.92 -8.50
C LEU A 390 -8.99 29.04 -9.40
N GLN A 391 -10.15 28.83 -10.01
CA GLN A 391 -10.69 29.83 -10.95
C GLN A 391 -11.98 30.47 -10.41
N ASN B 16 -18.99 -4.96 -27.84
CA ASN B 16 -18.61 -4.97 -26.43
C ASN B 16 -18.18 -6.37 -26.02
N PRO B 17 -16.87 -6.56 -25.79
CA PRO B 17 -16.41 -7.90 -25.40
C PRO B 17 -17.10 -8.44 -24.15
N LEU B 18 -17.55 -7.57 -23.23
CA LEU B 18 -18.21 -8.03 -22.02
C LEU B 18 -19.52 -8.75 -22.33
N PHE B 19 -20.13 -8.49 -23.48
CA PHE B 19 -21.38 -9.19 -23.76
C PHE B 19 -21.23 -10.25 -24.83
N SER B 20 -20.01 -10.61 -25.18
CA SER B 20 -19.83 -11.82 -25.96
C SER B 20 -20.01 -13.04 -25.04
N PRO B 21 -20.69 -14.08 -25.51
CA PRO B 21 -20.99 -15.21 -24.64
C PRO B 21 -19.75 -16.02 -24.29
N TYR B 22 -19.80 -16.67 -23.14
CA TYR B 22 -18.67 -17.48 -22.66
C TYR B 22 -19.18 -18.81 -22.15
N LYS B 23 -18.54 -19.90 -22.60
CA LYS B 23 -18.85 -21.24 -22.11
C LYS B 23 -17.94 -21.53 -20.92
N MET B 24 -18.53 -21.62 -19.73
CA MET B 24 -17.81 -22.00 -18.51
C MET B 24 -18.27 -23.40 -18.16
N GLY B 25 -17.50 -24.41 -18.57
CA GLY B 25 -17.93 -25.78 -18.34
C GLY B 25 -19.23 -26.03 -19.08
N LYS B 26 -20.22 -26.57 -18.39
CA LYS B 26 -21.55 -26.77 -18.95
C LYS B 26 -22.40 -25.51 -18.95
N PHE B 27 -21.85 -24.36 -18.53
CA PHE B 27 -22.63 -23.16 -18.32
C PHE B 27 -22.46 -22.22 -19.50
N ASN B 28 -23.55 -22.03 -20.27
CA ASN B 28 -23.60 -21.06 -21.34
C ASN B 28 -23.89 -19.70 -20.73
N LEU B 29 -22.85 -18.91 -20.50
CA LEU B 29 -23.04 -17.57 -19.95
C LEU B 29 -23.25 -16.59 -21.09
N SER B 30 -24.23 -15.70 -20.91
CA SER B 30 -24.57 -14.74 -21.94
C SER B 30 -23.74 -13.47 -21.90
N HIS B 31 -23.07 -13.19 -20.78
CA HIS B 31 -22.19 -12.04 -20.68
C HIS B 31 -21.11 -12.35 -19.66
N ARG B 32 -20.12 -11.45 -19.55
CA ARG B 32 -18.90 -11.68 -18.78
C ARG B 32 -18.89 -10.96 -17.44
N VAL B 33 -19.98 -10.31 -17.06
CA VAL B 33 -20.02 -9.53 -15.82
C VAL B 33 -20.49 -10.45 -14.70
N VAL B 34 -19.63 -10.67 -13.71
CA VAL B 34 -19.86 -11.61 -12.63
C VAL B 34 -20.09 -10.84 -11.34
N LEU B 35 -21.01 -11.33 -10.49
CA LEU B 35 -21.17 -10.77 -9.15
C LEU B 35 -20.07 -11.35 -8.27
N ALA B 36 -19.13 -10.52 -7.86
CA ALA B 36 -18.07 -10.98 -6.97
C ALA B 36 -18.67 -11.38 -5.62
N PRO B 37 -18.01 -12.30 -4.90
CA PRO B 37 -18.50 -12.65 -3.55
C PRO B 37 -18.30 -11.48 -2.60
N MET B 38 -19.36 -11.09 -1.90
CA MET B 38 -19.27 -9.95 -1.00
C MET B 38 -20.01 -10.22 0.29
N THR B 39 -19.26 -10.23 1.40
CA THR B 39 -19.83 -10.19 2.74
C THR B 39 -20.67 -8.94 2.93
N ARG B 40 -21.92 -9.12 3.39
CA ARG B 40 -22.82 -7.99 3.67
C ARG B 40 -23.49 -8.06 5.04
N CYS B 41 -23.39 -9.17 5.77
CA CYS B 41 -23.81 -9.27 7.19
C CYS B 41 -25.31 -9.08 7.37
N ARG B 42 -26.11 -9.55 6.42
CA ARG B 42 -27.55 -9.55 6.58
C ARG B 42 -28.10 -10.91 6.99
N ALA B 43 -27.26 -11.93 7.11
CA ALA B 43 -27.72 -13.28 7.41
C ALA B 43 -27.79 -13.42 8.93
N LEU B 44 -28.89 -12.90 9.49
CA LEU B 44 -29.02 -12.77 10.94
C LEU B 44 -28.79 -14.09 11.64
N ASN B 45 -27.88 -14.08 12.61
CA ASN B 45 -27.54 -15.25 13.43
C ASN B 45 -27.02 -16.41 12.59
N ASN B 46 -26.39 -16.08 11.45
CA ASN B 46 -25.71 -17.01 10.55
C ASN B 46 -26.65 -17.89 9.74
N ILE B 47 -27.94 -17.57 9.69
CA ILE B 47 -28.90 -18.31 8.87
C ILE B 47 -29.32 -17.42 7.72
N PRO B 48 -29.28 -17.89 6.48
CA PRO B 48 -29.68 -17.03 5.36
C PRO B 48 -31.12 -16.57 5.51
N GLN B 49 -31.37 -15.34 5.06
CA GLN B 49 -32.63 -14.65 5.28
C GLN B 49 -33.31 -14.36 3.94
N ALA B 50 -34.61 -14.06 4.00
CA ALA B 50 -35.35 -13.73 2.78
C ALA B 50 -34.77 -12.50 2.09
N ALA B 51 -34.18 -11.58 2.86
CA ALA B 51 -33.56 -10.41 2.26
C ALA B 51 -32.46 -10.80 1.29
N LEU B 52 -31.66 -11.81 1.64
CA LEU B 52 -30.63 -12.28 0.71
C LEU B 52 -31.26 -12.72 -0.61
N GLY B 53 -32.41 -13.37 -0.54
CA GLY B 53 -33.12 -13.73 -1.77
C GLY B 53 -33.43 -12.54 -2.65
N GLU B 54 -34.05 -11.50 -2.08
CA GLU B 54 -34.35 -10.30 -2.88
C GLU B 54 -33.07 -9.67 -3.41
N TYR B 55 -32.01 -9.66 -2.59
CA TYR B 55 -30.74 -9.06 -3.00
C TYR B 55 -30.16 -9.79 -4.22
N TYR B 56 -30.03 -11.11 -4.12
CA TYR B 56 -29.45 -11.86 -5.24
C TYR B 56 -30.39 -11.89 -6.43
N GLU B 57 -31.70 -12.00 -6.17
CA GLU B 57 -32.68 -11.93 -7.26
C GLU B 57 -32.52 -10.64 -8.07
N GLN B 58 -32.29 -9.51 -7.39
CA GLN B 58 -32.17 -8.22 -8.06
C GLN B 58 -31.02 -8.21 -9.04
N ARG B 59 -29.94 -8.88 -8.70
CA ARG B 59 -28.73 -8.83 -9.49
C ARG B 59 -28.66 -9.96 -10.51
N ALA B 60 -29.52 -10.97 -10.38
CA ALA B 60 -29.49 -12.10 -11.28
C ALA B 60 -29.94 -11.68 -12.68
N THR B 61 -29.29 -12.25 -13.71
CA THR B 61 -29.65 -12.02 -15.10
C THR B 61 -29.66 -13.34 -15.87
N ALA B 62 -30.33 -13.34 -17.02
CA ALA B 62 -30.38 -14.54 -17.86
C ALA B 62 -28.98 -14.86 -18.38
N GLY B 63 -28.43 -15.99 -17.95
CA GLY B 63 -27.10 -16.36 -18.34
C GLY B 63 -25.98 -15.64 -17.61
N GLY B 64 -26.27 -15.01 -16.47
CA GLY B 64 -25.27 -14.33 -15.67
C GLY B 64 -24.81 -15.22 -14.53
N PHE B 65 -23.56 -15.01 -14.10
CA PHE B 65 -22.92 -15.81 -13.05
C PHE B 65 -22.86 -15.01 -11.76
N LEU B 66 -23.31 -15.61 -10.66
CA LEU B 66 -23.24 -15.00 -9.33
C LEU B 66 -22.41 -15.88 -8.41
N ILE B 67 -21.61 -15.23 -7.55
CA ILE B 67 -20.92 -15.88 -6.45
C ILE B 67 -21.44 -15.28 -5.15
N THR B 68 -21.83 -16.13 -4.20
CA THR B 68 -22.37 -15.64 -2.95
C THR B 68 -21.29 -15.07 -2.06
N GLU B 69 -21.73 -14.28 -1.08
CA GLU B 69 -20.90 -13.91 0.05
C GLU B 69 -20.20 -15.12 0.64
N GLY B 70 -19.02 -14.88 1.23
CA GLY B 70 -18.32 -15.92 1.96
C GLY B 70 -19.27 -16.56 2.97
N THR B 71 -19.26 -17.89 3.05
CA THR B 71 -20.22 -18.65 3.87
C THR B 71 -19.48 -19.60 4.80
N MET B 72 -19.95 -19.68 6.05
CA MET B 72 -19.24 -20.43 7.08
C MET B 72 -19.24 -21.93 6.81
N ILE B 73 -18.07 -22.57 7.01
CA ILE B 73 -17.98 -24.03 6.90
C ILE B 73 -18.07 -24.74 8.24
N SER B 74 -18.03 -24.01 9.36
CA SER B 74 -18.06 -24.61 10.69
C SER B 74 -18.47 -23.53 11.68
N PRO B 75 -18.89 -23.90 12.90
CA PRO B 75 -19.25 -22.87 13.90
C PRO B 75 -18.10 -21.94 14.27
N THR B 76 -16.85 -22.35 14.07
CA THR B 76 -15.69 -21.58 14.48
C THR B 76 -15.04 -20.80 13.36
N SER B 77 -15.67 -20.71 12.18
CA SER B 77 -14.99 -20.24 10.98
C SER B 77 -15.26 -18.79 10.61
N ALA B 78 -16.05 -18.06 11.41
CA ALA B 78 -16.46 -16.71 11.04
C ALA B 78 -15.63 -15.65 11.74
N GLY B 79 -15.58 -14.47 11.12
CA GLY B 79 -14.84 -13.33 11.62
C GLY B 79 -15.58 -12.04 11.33
N PHE B 80 -16.85 -12.16 10.99
CA PHE B 80 -17.75 -11.06 10.71
C PHE B 80 -19.08 -11.41 11.36
N PRO B 81 -19.94 -10.43 11.62
CA PRO B 81 -21.22 -10.74 12.23
C PRO B 81 -22.29 -11.05 11.19
N HIS B 82 -23.17 -11.98 11.53
CA HIS B 82 -24.37 -12.26 10.74
C HIS B 82 -24.01 -12.66 9.31
N VAL B 83 -22.93 -13.41 9.16
CA VAL B 83 -22.59 -14.04 7.88
C VAL B 83 -23.29 -15.39 7.81
N PRO B 84 -23.76 -15.83 6.65
CA PRO B 84 -24.46 -17.12 6.57
C PRO B 84 -23.50 -18.28 6.74
N GLY B 85 -24.05 -19.39 7.22
CA GLY B 85 -23.34 -20.65 7.23
C GLY B 85 -23.97 -21.63 6.27
N ILE B 86 -23.28 -22.75 6.07
CA ILE B 86 -23.89 -23.87 5.34
C ILE B 86 -23.41 -25.18 5.96
N PHE B 87 -23.23 -25.19 7.28
CA PHE B 87 -22.83 -26.39 7.99
C PHE B 87 -23.96 -27.04 8.78
N THR B 88 -25.14 -26.45 8.81
CA THR B 88 -26.30 -27.01 9.47
C THR B 88 -27.38 -27.30 8.44
N LYS B 89 -28.23 -28.28 8.76
CA LYS B 89 -29.34 -28.59 7.87
C LYS B 89 -30.30 -27.41 7.76
N GLU B 90 -30.45 -26.63 8.83
CA GLU B 90 -31.32 -25.45 8.75
C GLU B 90 -30.79 -24.45 7.72
N GLN B 91 -29.47 -24.21 7.73
CA GLN B 91 -28.90 -23.28 6.76
C GLN B 91 -29.14 -23.78 5.34
N VAL B 92 -28.98 -25.09 5.11
CA VAL B 92 -29.22 -25.64 3.77
C VAL B 92 -30.65 -25.35 3.33
N ARG B 93 -31.62 -25.54 4.23
CA ARG B 93 -33.03 -25.33 3.87
C ARG B 93 -33.27 -23.89 3.43
N GLU B 94 -32.65 -22.92 4.12
CA GLU B 94 -32.89 -21.52 3.78
C GLU B 94 -32.15 -21.12 2.51
N TRP B 95 -30.93 -21.64 2.31
CA TRP B 95 -30.23 -21.37 1.06
C TRP B 95 -31.00 -21.86 -0.15
N LYS B 96 -31.65 -23.03 -0.02
CA LYS B 96 -32.39 -23.59 -1.15
C LYS B 96 -33.41 -22.59 -1.71
N LYS B 97 -34.06 -21.82 -0.81
CA LYS B 97 -35.03 -20.82 -1.24
C LYS B 97 -34.38 -19.68 -2.00
N ILE B 98 -33.17 -19.28 -1.58
CA ILE B 98 -32.44 -18.23 -2.29
C ILE B 98 -32.00 -18.72 -3.67
N VAL B 99 -31.39 -19.91 -3.71
CA VAL B 99 -30.94 -20.50 -4.97
C VAL B 99 -32.10 -20.58 -5.95
N ASP B 100 -33.28 -20.99 -5.47
CA ASP B 100 -34.42 -21.19 -6.36
C ASP B 100 -34.82 -19.90 -7.07
N VAL B 101 -34.81 -18.76 -6.37
CA VAL B 101 -35.23 -17.53 -7.03
C VAL B 101 -34.16 -17.05 -8.01
N VAL B 102 -32.89 -17.32 -7.73
CA VAL B 102 -31.84 -16.99 -8.70
C VAL B 102 -31.98 -17.85 -9.93
N HIS B 103 -32.22 -19.15 -9.75
CA HIS B 103 -32.42 -20.04 -10.89
C HIS B 103 -33.69 -19.70 -11.66
N ALA B 104 -34.70 -19.16 -10.97
CA ALA B 104 -35.91 -18.70 -11.66
C ALA B 104 -35.59 -17.64 -12.70
N LYS B 105 -34.59 -16.79 -12.44
CA LYS B 105 -34.15 -15.77 -13.37
C LYS B 105 -33.14 -16.28 -14.40
N GLY B 106 -32.79 -17.57 -14.32
CA GLY B 106 -31.89 -18.15 -15.30
C GLY B 106 -30.42 -17.91 -15.04
N ALA B 107 -30.03 -17.60 -13.81
CA ALA B 107 -28.64 -17.34 -13.52
C ALA B 107 -27.96 -18.58 -12.93
N VAL B 108 -26.63 -18.59 -13.00
CA VAL B 108 -25.79 -19.60 -12.38
C VAL B 108 -25.26 -19.02 -11.08
N ILE B 109 -25.20 -19.83 -10.02
CA ILE B 109 -24.79 -19.31 -8.71
C ILE B 109 -23.93 -20.35 -7.98
N PHE B 110 -22.77 -19.90 -7.49
CA PHE B 110 -21.86 -20.72 -6.70
C PHE B 110 -21.83 -20.15 -5.29
N CYS B 111 -21.64 -21.03 -4.31
CA CYS B 111 -21.52 -20.62 -2.90
C CYS B 111 -20.05 -20.59 -2.49
N GLN B 112 -19.56 -19.44 -2.03
CA GLN B 112 -18.17 -19.36 -1.59
C GLN B 112 -18.03 -19.90 -0.16
N LEU B 113 -17.11 -20.84 0.04
CA LEU B 113 -16.88 -21.42 1.36
C LEU B 113 -15.73 -20.68 2.02
N TRP B 114 -15.98 -20.17 3.22
CA TRP B 114 -15.08 -19.19 3.84
C TRP B 114 -14.70 -19.62 5.25
N HIS B 115 -13.39 -19.83 5.49
CA HIS B 115 -12.86 -19.93 6.85
C HIS B 115 -11.85 -18.80 7.05
N VAL B 116 -12.05 -18.00 8.11
CA VAL B 116 -11.24 -16.80 8.34
C VAL B 116 -9.94 -17.09 9.07
N GLY B 117 -9.81 -18.26 9.70
CA GLY B 117 -8.58 -18.57 10.41
C GLY B 117 -8.34 -17.58 11.54
N ARG B 118 -7.11 -17.08 11.62
CA ARG B 118 -6.70 -16.17 12.69
C ARG B 118 -7.45 -14.85 12.64
N ALA B 119 -8.18 -14.55 11.56
CA ALA B 119 -8.95 -13.31 11.47
C ALA B 119 -10.31 -13.46 12.14
N SER B 120 -10.29 -13.82 13.42
CA SER B 120 -11.53 -13.99 14.16
C SER B 120 -11.44 -13.26 15.50
N HIS B 121 -12.38 -13.55 16.41
CA HIS B 121 -12.45 -12.86 17.71
C HIS B 121 -13.18 -13.76 18.68
N GLU B 122 -12.97 -13.53 19.99
CA GLU B 122 -13.66 -14.33 20.99
C GLU B 122 -15.17 -14.30 20.80
N VAL B 123 -15.73 -13.15 20.36
CA VAL B 123 -17.17 -13.04 20.19
C VAL B 123 -17.70 -13.92 19.06
N TYR B 124 -16.84 -14.32 18.11
CA TYR B 124 -17.19 -15.27 17.05
C TYR B 124 -16.66 -16.69 17.32
N GLN B 125 -16.29 -16.99 18.57
CA GLN B 125 -15.76 -18.30 18.92
C GLN B 125 -16.65 -18.93 19.98
N PRO B 126 -17.51 -19.88 19.61
CA PRO B 126 -18.55 -20.37 20.54
C PRO B 126 -17.98 -21.04 21.78
N ALA B 127 -16.80 -21.64 21.70
CA ALA B 127 -16.17 -22.31 22.84
C ALA B 127 -15.01 -21.49 23.41
N GLY B 128 -14.93 -20.20 23.08
CA GLY B 128 -13.90 -19.33 23.61
C GLY B 128 -12.49 -19.76 23.26
N ALA B 129 -12.36 -20.67 22.30
CA ALA B 129 -11.05 -21.10 21.85
C ALA B 129 -10.38 -20.02 21.01
N ALA B 130 -9.05 -20.03 21.03
CA ALA B 130 -8.31 -19.12 20.16
C ALA B 130 -8.62 -19.49 18.70
N PRO B 131 -8.65 -18.51 17.81
CA PRO B 131 -8.79 -18.85 16.38
C PRO B 131 -7.63 -19.73 15.90
N ILE B 132 -7.92 -20.58 14.90
CA ILE B 132 -6.92 -21.51 14.36
C ILE B 132 -6.19 -20.87 13.18
N SER B 133 -4.98 -21.35 12.91
CA SER B 133 -4.18 -20.82 11.82
C SER B 133 -2.97 -21.74 11.60
N SER B 134 -2.13 -21.33 10.65
CA SER B 134 -0.84 -21.98 10.47
C SER B 134 0.15 -21.59 11.56
N THR B 135 -0.05 -20.44 12.19
CA THR B 135 0.97 -19.79 13.01
C THR B 135 0.37 -19.34 14.34
N GLU B 136 1.26 -19.03 15.28
CA GLU B 136 0.85 -18.39 16.52
C GLU B 136 0.86 -16.88 16.43
N LYS B 137 1.43 -16.32 15.36
CA LYS B 137 1.54 -14.86 15.22
C LYS B 137 0.17 -14.23 15.04
N PRO B 138 -0.17 -13.21 15.83
CA PRO B 138 -1.44 -12.50 15.62
C PRO B 138 -1.35 -11.54 14.44
N ILE B 139 -2.52 -11.25 13.87
CA ILE B 139 -2.61 -10.10 12.96
C ILE B 139 -2.12 -8.85 13.69
N SER B 140 -1.33 -8.04 13.01
CA SER B 140 -0.73 -6.87 13.64
C SER B 140 -1.80 -5.82 13.93
N ASN B 141 -1.38 -4.79 14.67
CA ASN B 141 -2.33 -3.88 15.31
C ASN B 141 -3.00 -2.92 14.32
N ARG B 142 -2.44 -2.74 13.11
CA ARG B 142 -3.04 -1.81 12.17
C ARG B 142 -4.30 -2.36 11.48
N TRP B 143 -4.63 -3.63 11.72
CA TRP B 143 -5.87 -4.24 11.23
C TRP B 143 -6.82 -4.45 12.41
N ARG B 144 -8.12 -4.26 12.16
CA ARG B 144 -9.16 -4.45 13.17
C ARG B 144 -10.28 -5.31 12.59
N ILE B 145 -11.14 -5.81 13.48
CA ILE B 145 -12.24 -6.69 13.11
C ILE B 145 -13.55 -5.95 13.37
N LEU B 146 -14.56 -6.25 12.57
CA LEU B 146 -15.89 -5.69 12.82
C LEU B 146 -16.57 -6.49 13.92
N MET B 147 -17.00 -5.79 15.01
CA MET B 147 -17.74 -6.35 16.15
C MET B 147 -19.23 -6.32 15.88
N PRO B 148 -20.01 -7.16 16.59
CA PRO B 148 -21.46 -7.19 16.34
C PRO B 148 -22.16 -5.87 16.63
N ASP B 149 -21.60 -5.01 17.48
CA ASP B 149 -22.18 -3.69 17.74
C ASP B 149 -21.68 -2.61 16.79
N GLY B 150 -21.00 -2.98 15.70
CA GLY B 150 -20.49 -2.02 14.76
C GLY B 150 -19.16 -1.38 15.11
N THR B 151 -18.65 -1.60 16.32
CA THR B 151 -17.34 -1.07 16.68
C THR B 151 -16.23 -1.96 16.10
N HIS B 152 -15.00 -1.47 16.17
CA HIS B 152 -13.84 -2.19 15.66
C HIS B 152 -13.09 -2.83 16.82
N GLY B 153 -12.75 -4.11 16.66
CA GLY B 153 -12.08 -4.87 17.69
C GLY B 153 -10.66 -5.27 17.28
N ILE B 154 -9.91 -5.77 18.28
CA ILE B 154 -8.53 -6.20 18.11
C ILE B 154 -8.49 -7.70 17.84
N TYR B 155 -7.67 -8.12 16.87
CA TYR B 155 -7.50 -9.54 16.59
C TYR B 155 -6.70 -10.22 17.70
N PRO B 156 -7.16 -11.36 18.21
CA PRO B 156 -6.43 -12.06 19.26
C PRO B 156 -5.29 -12.91 18.70
N LYS B 157 -4.54 -13.50 19.63
CA LYS B 157 -3.50 -14.44 19.23
C LYS B 157 -4.15 -15.74 18.75
N PRO B 158 -3.77 -16.26 17.59
CA PRO B 158 -4.30 -17.55 17.14
C PRO B 158 -3.45 -18.71 17.66
N ARG B 159 -3.96 -19.91 17.42
CA ARG B 159 -3.28 -21.16 17.76
C ARG B 159 -2.80 -21.84 16.50
N ALA B 160 -1.51 -22.21 16.45
CA ALA B 160 -0.99 -22.97 15.32
C ALA B 160 -1.45 -24.41 15.44
N ILE B 161 -2.28 -24.87 14.49
CA ILE B 161 -2.88 -26.20 14.59
C ILE B 161 -1.85 -27.27 14.21
N GLY B 162 -1.95 -28.42 14.87
CA GLY B 162 -1.09 -29.53 14.55
C GLY B 162 -1.50 -30.21 13.26
N THR B 163 -0.60 -31.09 12.79
CA THR B 163 -0.83 -31.83 11.56
C THR B 163 -2.19 -32.53 11.57
N TYR B 164 -2.48 -33.28 12.64
CA TYR B 164 -3.71 -34.06 12.68
C TYR B 164 -4.96 -33.19 12.61
N GLU B 165 -4.86 -31.92 12.98
CA GLU B 165 -6.02 -31.03 12.92
C GLU B 165 -6.30 -30.56 11.49
N ILE B 166 -5.31 -30.61 10.59
CA ILE B 166 -5.52 -30.20 9.20
C ILE B 166 -6.69 -30.97 8.60
N SER B 167 -6.66 -32.30 8.72
CA SER B 167 -7.66 -33.13 8.06
C SER B 167 -9.08 -32.79 8.51
N GLN B 168 -9.24 -32.41 9.79
CA GLN B 168 -10.57 -32.06 10.30
C GLN B 168 -11.13 -30.80 9.61
N VAL B 169 -10.29 -29.79 9.43
CA VAL B 169 -10.73 -28.59 8.71
C VAL B 169 -11.01 -28.93 7.25
N VAL B 170 -10.12 -29.70 6.60
CA VAL B 170 -10.42 -30.18 5.25
C VAL B 170 -11.79 -30.85 5.21
N GLU B 171 -12.10 -31.66 6.25
CA GLU B 171 -13.39 -32.33 6.28
C GLU B 171 -14.53 -31.32 6.37
N ASP B 172 -14.33 -30.20 7.08
CA ASP B 172 -15.38 -29.17 7.15
C ASP B 172 -15.69 -28.57 5.78
N TYR B 173 -14.67 -28.37 4.94
CA TYR B 173 -14.90 -27.92 3.56
C TYR B 173 -15.71 -28.95 2.78
N ARG B 174 -15.32 -30.22 2.89
CA ARG B 174 -16.02 -31.29 2.15
C ARG B 174 -17.49 -31.35 2.53
N ARG B 175 -17.78 -31.37 3.84
CA ARG B 175 -19.19 -31.46 4.26
C ARG B 175 -19.97 -30.22 3.85
N SER B 176 -19.33 -29.05 3.92
CA SER B 176 -19.99 -27.83 3.47
C SER B 176 -20.21 -27.83 1.95
N ALA B 177 -19.25 -28.35 1.20
CA ALA B 177 -19.43 -28.48 -0.24
C ALA B 177 -20.60 -29.40 -0.58
N LEU B 178 -20.69 -30.56 0.09
CA LEU B 178 -21.86 -31.43 -0.07
C LEU B 178 -23.15 -30.71 0.31
N ASN B 179 -23.11 -29.93 1.40
CA ASN B 179 -24.30 -29.17 1.81
C ASN B 179 -24.70 -28.15 0.74
N ALA B 180 -23.71 -27.45 0.15
CA ALA B 180 -24.04 -26.51 -0.92
C ALA B 180 -24.73 -27.20 -2.08
N ILE B 181 -24.28 -28.40 -2.44
CA ILE B 181 -24.92 -29.14 -3.52
C ILE B 181 -26.34 -29.55 -3.11
N GLU B 182 -26.51 -29.98 -1.86
CA GLU B 182 -27.84 -30.31 -1.36
C GLU B 182 -28.79 -29.13 -1.48
N ALA B 183 -28.29 -27.92 -1.23
CA ALA B 183 -29.13 -26.73 -1.35
C ALA B 183 -29.45 -26.36 -2.81
N GLY B 184 -28.79 -26.97 -3.78
CA GLY B 184 -29.10 -26.68 -5.17
C GLY B 184 -28.13 -25.75 -5.86
N PHE B 185 -27.05 -25.35 -5.19
CA PHE B 185 -26.04 -24.51 -5.83
C PHE B 185 -25.43 -25.23 -7.03
N ASP B 186 -25.07 -24.44 -8.04
CA ASP B 186 -24.40 -24.99 -9.20
C ASP B 186 -22.95 -25.37 -8.91
N GLY B 187 -22.36 -24.84 -7.83
CA GLY B 187 -21.02 -25.20 -7.47
C GLY B 187 -20.60 -24.41 -6.24
N ILE B 188 -19.35 -24.61 -5.83
CA ILE B 188 -18.78 -23.86 -4.72
C ILE B 188 -17.51 -23.17 -5.20
N GLU B 189 -17.15 -22.10 -4.49
CA GLU B 189 -15.85 -21.47 -4.66
C GLU B 189 -15.07 -21.56 -3.36
N ILE B 190 -13.81 -22.00 -3.45
CA ILE B 190 -12.95 -22.05 -2.28
C ILE B 190 -12.33 -20.67 -2.07
N HIS B 191 -12.60 -20.05 -0.90
CA HIS B 191 -12.00 -18.74 -0.60
C HIS B 191 -10.60 -18.99 -0.05
N GLY B 192 -9.61 -18.94 -0.93
CA GLY B 192 -8.22 -19.17 -0.58
C GLY B 192 -7.39 -17.89 -0.68
N ALA B 193 -8.03 -16.76 -0.45
CA ALA B 193 -7.41 -15.46 -0.74
C ALA B 193 -7.43 -14.56 0.50
N HIS B 194 -6.81 -13.38 0.37
CA HIS B 194 -7.02 -12.23 1.27
C HIS B 194 -6.62 -12.51 2.71
N GLY B 195 -5.59 -13.33 2.91
CA GLY B 195 -5.06 -13.53 4.25
C GLY B 195 -5.92 -14.36 5.18
N TYR B 196 -6.96 -15.04 4.67
CA TYR B 196 -7.78 -15.86 5.56
C TYR B 196 -7.13 -17.25 5.68
N LEU B 197 -7.87 -18.26 6.16
CA LEU B 197 -7.22 -19.48 6.67
C LEU B 197 -6.29 -20.11 5.63
N ILE B 198 -6.80 -20.36 4.41
CA ILE B 198 -5.99 -21.01 3.39
C ILE B 198 -4.78 -20.15 3.03
N ASP B 199 -4.99 -18.83 2.93
CA ASP B 199 -3.87 -17.94 2.60
C ASP B 199 -2.86 -17.84 3.73
N GLN B 200 -3.28 -18.15 4.97
CA GLN B 200 -2.34 -18.18 6.08
C GLN B 200 -1.36 -19.33 5.98
N PHE B 201 -1.71 -20.41 5.26
CA PHE B 201 -0.72 -21.45 4.94
C PHE B 201 0.09 -21.10 3.70
N LEU B 202 -0.51 -20.40 2.73
CA LEU B 202 0.17 -20.16 1.47
C LEU B 202 1.34 -19.20 1.64
N LYS B 203 1.13 -18.09 2.35
CA LYS B 203 2.05 -16.96 2.35
C LYS B 203 3.18 -17.18 3.35
N ASP B 204 4.44 -17.05 2.88
CA ASP B 204 5.55 -17.28 3.80
C ASP B 204 5.76 -16.14 4.79
N GLY B 205 5.11 -14.99 4.59
CA GLY B 205 5.07 -13.97 5.63
C GLY B 205 4.17 -14.31 6.81
N ILE B 206 3.34 -15.34 6.69
CA ILE B 206 2.51 -15.83 7.78
C ILE B 206 2.93 -17.21 8.23
N ASN B 207 3.16 -18.11 7.27
CA ASN B 207 3.45 -19.52 7.54
C ASN B 207 4.90 -19.66 8.00
N ASP B 208 5.09 -19.79 9.31
CA ASP B 208 6.40 -20.02 9.91
C ASP B 208 6.58 -21.45 10.40
N ARG B 209 5.73 -22.37 9.94
CA ARG B 209 5.79 -23.75 10.42
C ARG B 209 7.07 -24.44 9.97
N THR B 210 7.42 -25.50 10.70
CA THR B 210 8.55 -26.37 10.39
C THR B 210 8.13 -27.79 10.01
N ASP B 211 6.86 -28.15 10.16
CA ASP B 211 6.40 -29.48 9.78
C ASP B 211 6.18 -29.58 8.27
N GLU B 212 5.44 -30.60 7.82
CA GLU B 212 5.29 -30.87 6.39
C GLU B 212 4.43 -29.84 5.66
N TYR B 213 3.72 -28.97 6.37
CA TYR B 213 2.91 -27.92 5.77
C TYR B 213 3.63 -26.58 5.73
N GLY B 214 4.92 -26.55 6.09
CA GLY B 214 5.66 -25.31 6.15
C GLY B 214 7.02 -25.46 5.49
N GLY B 215 7.60 -24.30 5.16
CA GLY B 215 8.91 -24.28 4.54
C GLY B 215 8.88 -24.04 3.04
N SER B 216 9.07 -25.11 2.27
CA SER B 216 9.18 -24.97 0.83
C SER B 216 7.84 -24.55 0.23
N LEU B 217 7.91 -23.99 -0.98
CA LEU B 217 6.70 -23.66 -1.72
C LEU B 217 5.77 -24.86 -1.81
N ALA B 218 6.32 -26.05 -2.08
CA ALA B 218 5.50 -27.26 -2.17
C ALA B 218 4.79 -27.54 -0.86
N ASN B 219 5.48 -27.36 0.27
CA ASN B 219 4.87 -27.64 1.57
C ASN B 219 3.75 -26.65 1.89
N ARG B 220 3.96 -25.37 1.54
CA ARG B 220 2.95 -24.35 1.87
C ARG B 220 1.71 -24.48 0.99
N CYS B 221 1.84 -25.14 -0.15
CA CYS B 221 0.68 -25.36 -1.03
C CYS B 221 -0.12 -26.60 -0.68
N LYS B 222 0.33 -27.41 0.29
CA LYS B 222 -0.35 -28.67 0.58
C LYS B 222 -1.77 -28.43 1.08
N PHE B 223 -1.98 -27.40 1.91
CA PHE B 223 -3.29 -27.22 2.51
C PHE B 223 -4.35 -26.88 1.46
N ILE B 224 -4.07 -25.93 0.56
CA ILE B 224 -5.06 -25.61 -0.48
C ILE B 224 -5.25 -26.80 -1.41
N THR B 225 -4.18 -27.55 -1.69
CA THR B 225 -4.30 -28.72 -2.54
C THR B 225 -5.22 -29.76 -1.89
N GLN B 226 -5.03 -30.01 -0.60
CA GLN B 226 -5.86 -31.01 0.05
C GLN B 226 -7.30 -30.54 0.16
N VAL B 227 -7.52 -29.24 0.39
CA VAL B 227 -8.89 -28.71 0.42
C VAL B 227 -9.56 -28.91 -0.94
N VAL B 228 -8.87 -28.50 -2.01
CA VAL B 228 -9.47 -28.59 -3.35
C VAL B 228 -9.73 -30.04 -3.73
N GLN B 229 -8.77 -30.92 -3.46
CA GLN B 229 -8.96 -32.33 -3.82
C GLN B 229 -10.14 -32.93 -3.06
N ALA B 230 -10.34 -32.52 -1.81
CA ALA B 230 -11.44 -33.10 -1.04
C ALA B 230 -12.78 -32.71 -1.63
N VAL B 231 -12.94 -31.42 -1.98
CA VAL B 231 -14.22 -31.00 -2.53
C VAL B 231 -14.39 -31.53 -3.95
N VAL B 232 -13.30 -31.72 -4.70
CA VAL B 232 -13.40 -32.30 -6.04
C VAL B 232 -13.84 -33.75 -5.97
N SER B 233 -13.28 -34.52 -5.04
CA SER B 233 -13.65 -35.91 -4.85
C SER B 233 -15.05 -36.07 -4.27
N ALA B 234 -15.62 -35.01 -3.72
CA ALA B 234 -16.96 -35.03 -3.16
C ALA B 234 -18.04 -34.65 -4.18
N ILE B 235 -17.81 -33.65 -5.03
CA ILE B 235 -18.86 -33.11 -5.88
C ILE B 235 -18.46 -32.98 -7.34
N GLY B 236 -17.23 -33.32 -7.70
CA GLY B 236 -16.70 -33.25 -9.07
C GLY B 236 -15.98 -31.94 -9.33
N ALA B 237 -14.94 -32.01 -10.18
CA ALA B 237 -14.15 -30.82 -10.51
C ALA B 237 -14.99 -29.74 -11.17
N ASP B 238 -15.96 -30.12 -12.02
CA ASP B 238 -16.73 -29.12 -12.76
C ASP B 238 -17.52 -28.19 -11.84
N ARG B 239 -17.71 -28.57 -10.58
CA ARG B 239 -18.52 -27.78 -9.66
C ARG B 239 -17.67 -27.06 -8.64
N VAL B 240 -16.37 -26.93 -8.89
CA VAL B 240 -15.43 -26.31 -7.95
C VAL B 240 -14.69 -25.16 -8.64
N GLY B 241 -14.80 -23.97 -8.07
CA GLY B 241 -13.96 -22.85 -8.43
C GLY B 241 -13.01 -22.51 -7.30
N VAL B 242 -11.88 -21.85 -7.58
CA VAL B 242 -10.85 -21.58 -6.56
C VAL B 242 -10.44 -20.11 -6.64
N ARG B 243 -10.44 -19.42 -5.49
CA ARG B 243 -10.02 -18.02 -5.47
C ARG B 243 -8.73 -17.84 -4.68
N VAL B 244 -7.76 -17.13 -5.29
CA VAL B 244 -6.50 -16.85 -4.62
C VAL B 244 -6.12 -15.38 -4.85
N SER B 245 -5.16 -14.91 -4.06
CA SER B 245 -4.63 -13.56 -4.19
C SER B 245 -3.16 -13.61 -3.82
N PRO B 246 -2.30 -14.04 -4.76
CA PRO B 246 -0.87 -14.19 -4.43
C PRO B 246 -0.21 -12.91 -3.97
N ALA B 247 -0.62 -11.77 -4.53
CA ALA B 247 -0.09 -10.47 -4.13
C ALA B 247 -1.26 -9.65 -3.61
N ILE B 248 -1.24 -9.33 -2.33
CA ILE B 248 -2.32 -8.58 -1.71
C ILE B 248 -1.79 -7.96 -0.41
N ASP B 249 -2.31 -6.79 -0.08
CA ASP B 249 -2.06 -6.14 1.21
C ASP B 249 -3.37 -6.31 1.98
N HIS B 250 -3.45 -7.38 2.78
CA HIS B 250 -4.64 -7.61 3.61
C HIS B 250 -4.27 -8.54 4.75
N LEU B 251 -4.46 -8.07 5.98
CA LEU B 251 -4.27 -8.89 7.19
C LEU B 251 -2.88 -9.51 7.24
N ASP B 252 -1.88 -8.71 6.86
CA ASP B 252 -0.47 -9.10 6.95
C ASP B 252 -0.16 -10.34 6.13
N ALA B 253 -0.86 -10.55 5.01
CA ALA B 253 -0.54 -11.64 4.11
C ALA B 253 0.40 -11.08 3.03
N MET B 254 1.68 -11.42 3.15
CA MET B 254 2.68 -11.08 2.17
C MET B 254 3.53 -12.30 1.90
N ASP B 255 4.11 -12.37 0.70
CA ASP B 255 4.96 -13.48 0.31
C ASP B 255 6.25 -12.94 -0.28
N SER B 256 7.34 -13.66 -0.05
CA SER B 256 8.63 -13.21 -0.54
C SER B 256 8.68 -13.21 -2.07
N ASN B 257 7.91 -14.07 -2.72
CA ASN B 257 7.92 -14.18 -4.19
C ASN B 257 6.51 -14.52 -4.67
N PRO B 258 5.62 -13.52 -4.80
CA PRO B 258 4.23 -13.82 -5.17
C PRO B 258 4.09 -14.58 -6.47
N LEU B 259 4.95 -14.31 -7.44
CA LEU B 259 4.88 -15.00 -8.72
C LEU B 259 5.16 -16.49 -8.54
N SER B 260 6.22 -16.81 -7.81
CA SER B 260 6.55 -18.20 -7.50
C SER B 260 5.38 -18.89 -6.78
N LEU B 261 4.79 -18.21 -5.81
CA LEU B 261 3.67 -18.79 -5.08
C LEU B 261 2.46 -19.01 -6.00
N GLY B 262 2.16 -18.03 -6.85
CA GLY B 262 1.01 -18.18 -7.75
C GLY B 262 1.15 -19.34 -8.72
N LEU B 263 2.35 -19.52 -9.29
CA LEU B 263 2.56 -20.59 -10.24
C LEU B 263 2.58 -21.96 -9.57
N ALA B 264 3.02 -22.02 -8.31
CA ALA B 264 2.94 -23.29 -7.59
C ALA B 264 1.49 -23.70 -7.37
N VAL B 265 0.62 -22.73 -7.07
CA VAL B 265 -0.79 -23.04 -6.87
C VAL B 265 -1.42 -23.46 -8.19
N VAL B 266 -1.12 -22.73 -9.27
CA VAL B 266 -1.62 -23.07 -10.60
C VAL B 266 -1.15 -24.45 -11.04
N GLU B 267 0.13 -24.76 -10.80
CA GLU B 267 0.65 -26.07 -11.21
C GLU B 267 -0.05 -27.20 -10.47
N ARG B 268 -0.37 -27.00 -9.19
CA ARG B 268 -1.06 -28.07 -8.48
C ARG B 268 -2.53 -28.16 -8.88
N LEU B 269 -3.18 -27.03 -9.14
CA LEU B 269 -4.53 -27.05 -9.69
C LEU B 269 -4.56 -27.75 -11.05
N ASN B 270 -3.62 -27.38 -11.95
CA ASN B 270 -3.55 -28.06 -13.25
C ASN B 270 -3.41 -29.57 -13.07
N LYS B 271 -2.68 -29.99 -12.03
CA LYS B 271 -2.44 -31.41 -11.83
C LYS B 271 -3.68 -32.12 -11.29
N ILE B 272 -4.43 -31.47 -10.40
CA ILE B 272 -5.69 -32.04 -9.96
C ILE B 272 -6.62 -32.25 -11.15
N GLN B 273 -6.63 -31.30 -12.10
CA GLN B 273 -7.43 -31.47 -13.31
C GLN B 273 -6.93 -32.63 -14.16
N LEU B 274 -5.61 -32.77 -14.29
CA LEU B 274 -5.04 -33.87 -15.07
C LEU B 274 -5.46 -35.22 -14.49
N HIS B 275 -5.31 -35.39 -13.17
CA HIS B 275 -5.61 -36.67 -12.54
C HIS B 275 -7.10 -36.90 -12.36
N SER B 276 -7.89 -35.83 -12.20
CA SER B 276 -9.33 -36.00 -12.13
C SER B 276 -9.97 -36.24 -13.48
N GLY B 277 -9.31 -35.87 -14.58
CA GLY B 277 -9.93 -36.00 -15.88
C GLY B 277 -11.02 -35.00 -16.16
N SER B 278 -11.05 -33.89 -15.43
CA SER B 278 -12.04 -32.85 -15.65
C SER B 278 -11.46 -31.52 -15.20
N LYS B 279 -11.72 -30.45 -15.94
CA LYS B 279 -11.30 -29.12 -15.51
C LYS B 279 -12.12 -28.63 -14.32
N LEU B 280 -11.50 -27.82 -13.48
CA LEU B 280 -12.23 -27.06 -12.48
C LEU B 280 -13.19 -26.07 -13.17
N ALA B 281 -14.12 -25.52 -12.39
CA ALA B 281 -14.98 -24.46 -12.92
C ALA B 281 -14.16 -23.25 -13.36
N TYR B 282 -13.19 -22.82 -12.55
CA TYR B 282 -12.44 -21.61 -12.87
C TYR B 282 -11.38 -21.36 -11.81
N LEU B 283 -10.42 -20.50 -12.16
CA LEU B 283 -9.52 -19.84 -11.23
C LEU B 283 -9.91 -18.37 -11.13
N HIS B 284 -9.99 -17.85 -9.90
CA HIS B 284 -10.49 -16.51 -9.58
C HIS B 284 -9.37 -15.79 -8.86
N VAL B 285 -8.78 -14.75 -9.46
CA VAL B 285 -7.61 -14.10 -8.88
C VAL B 285 -7.87 -12.61 -8.64
N THR B 286 -7.55 -12.15 -7.42
CA THR B 286 -7.69 -10.74 -7.08
C THR B 286 -6.52 -9.93 -7.63
N GLN B 287 -6.84 -8.82 -8.27
CA GLN B 287 -5.83 -7.85 -8.70
C GLN B 287 -5.23 -7.20 -7.47
N PRO B 288 -3.91 -7.21 -7.30
CA PRO B 288 -3.33 -6.54 -6.11
C PRO B 288 -3.67 -5.06 -6.03
N ARG B 289 -3.65 -4.35 -7.17
CA ARG B 289 -3.85 -2.90 -7.22
C ARG B 289 -2.90 -2.18 -6.27
N TYR B 290 -1.61 -2.47 -6.44
CA TYR B 290 -0.54 -1.99 -5.55
C TYR B 290 -0.50 -0.47 -5.52
N VAL B 291 -0.67 0.12 -4.34
CA VAL B 291 -0.59 1.57 -4.19
C VAL B 291 0.34 1.94 -3.02
N ALA B 292 1.19 1.01 -2.60
CA ALA B 292 2.03 1.24 -1.44
C ALA B 292 3.25 2.09 -1.79
N TYR B 293 3.78 2.76 -0.75
CA TYR B 293 4.98 3.59 -0.87
C TYR B 293 4.80 4.72 -1.87
N GLY B 294 3.57 5.18 -2.08
CA GLY B 294 3.33 6.29 -2.97
C GLY B 294 3.92 7.61 -2.50
N GLN B 295 4.24 7.72 -1.22
CA GLN B 295 4.84 8.93 -0.68
C GLN B 295 6.36 8.88 -0.69
N THR B 296 6.97 7.84 -1.26
CA THR B 296 8.43 7.71 -1.33
C THR B 296 8.91 8.06 -2.74
N GLU B 297 10.22 8.23 -2.86
CA GLU B 297 10.84 8.60 -4.14
C GLU B 297 10.75 7.47 -5.16
N ALA B 298 11.01 6.23 -4.73
CA ALA B 298 11.16 5.14 -5.69
C ALA B 298 10.18 4.00 -5.47
N GLY B 299 9.29 4.10 -4.48
CA GLY B 299 8.51 2.95 -4.07
C GLY B 299 7.56 2.42 -5.12
N ARG B 300 7.17 3.24 -6.08
CA ARG B 300 6.19 2.86 -7.07
C ARG B 300 6.81 2.56 -8.43
N LEU B 301 8.14 2.62 -8.55
CA LEU B 301 8.76 2.48 -9.86
C LEU B 301 8.64 1.04 -10.34
N GLY B 302 7.98 0.84 -11.48
CA GLY B 302 7.83 -0.50 -12.03
C GLY B 302 6.93 -1.42 -11.23
N SER B 303 6.06 -0.86 -10.38
CA SER B 303 5.15 -1.72 -9.62
C SER B 303 3.97 -2.16 -10.50
N GLU B 304 3.30 -1.22 -11.16
CA GLU B 304 2.16 -1.58 -11.99
C GLU B 304 2.55 -2.49 -13.16
N GLU B 305 3.82 -2.45 -13.59
CA GLU B 305 4.28 -3.37 -14.61
C GLU B 305 4.50 -4.76 -14.04
N GLU B 306 5.05 -4.85 -12.82
CA GLU B 306 5.19 -6.15 -12.17
C GLU B 306 3.83 -6.80 -11.95
N GLU B 307 2.83 -5.99 -11.58
CA GLU B 307 1.49 -6.50 -11.32
C GLU B 307 0.85 -7.10 -12.58
N ALA B 308 0.93 -6.37 -13.70
CA ALA B 308 0.41 -6.89 -14.96
C ALA B 308 1.09 -8.21 -15.33
N ARG B 309 2.40 -8.27 -15.17
CA ARG B 309 3.14 -9.50 -15.47
C ARG B 309 2.68 -10.65 -14.57
N LEU B 310 2.48 -10.38 -13.29
CA LEU B 310 1.97 -11.41 -12.38
C LEU B 310 0.69 -12.05 -12.94
N MET B 311 -0.31 -11.21 -13.22
CA MET B 311 -1.63 -11.72 -13.62
C MET B 311 -1.57 -12.48 -14.94
N ARG B 312 -0.93 -11.90 -15.95
CA ARG B 312 -0.86 -12.56 -17.25
C ARG B 312 -0.05 -13.85 -17.19
N THR B 313 0.99 -13.89 -16.37
CA THR B 313 1.75 -15.14 -16.22
C THR B 313 0.88 -16.23 -15.61
N LEU B 314 0.11 -15.91 -14.57
CA LEU B 314 -0.80 -16.90 -13.99
C LEU B 314 -1.86 -17.32 -14.99
N ARG B 315 -2.47 -16.36 -15.69
CA ARG B 315 -3.48 -16.67 -16.69
C ARG B 315 -2.95 -17.63 -17.76
N ASN B 316 -1.79 -17.32 -18.36
CA ASN B 316 -1.23 -18.21 -19.39
C ASN B 316 -0.93 -19.59 -18.83
N ALA B 317 -0.62 -19.68 -17.54
CA ALA B 317 -0.23 -20.95 -16.96
C ALA B 317 -1.44 -21.80 -16.56
N TYR B 318 -2.53 -21.17 -16.16
CA TYR B 318 -3.67 -21.94 -15.70
C TYR B 318 -4.44 -22.50 -16.89
N GLN B 319 -4.68 -23.81 -16.88
CA GLN B 319 -5.40 -24.49 -17.97
C GLN B 319 -6.89 -24.47 -17.66
N GLY B 320 -7.52 -23.33 -17.95
CA GLY B 320 -8.96 -23.25 -17.79
C GLY B 320 -9.42 -21.81 -17.74
N THR B 321 -10.65 -21.65 -17.23
CA THR B 321 -11.31 -20.35 -17.14
C THR B 321 -10.66 -19.47 -16.07
N PHE B 322 -10.48 -18.19 -16.40
CA PHE B 322 -9.79 -17.22 -15.54
C PHE B 322 -10.70 -16.03 -15.27
N ILE B 323 -11.01 -15.79 -13.99
CA ILE B 323 -11.81 -14.66 -13.56
C ILE B 323 -10.92 -13.66 -12.83
N CYS B 324 -10.97 -12.40 -13.25
CA CYS B 324 -10.20 -11.34 -12.63
C CYS B 324 -11.13 -10.44 -11.83
N SER B 325 -10.59 -9.88 -10.75
CA SER B 325 -11.40 -9.12 -9.81
C SER B 325 -10.51 -8.10 -9.12
N GLY B 326 -11.10 -6.96 -8.78
CA GLY B 326 -10.38 -5.97 -8.00
C GLY B 326 -10.21 -4.65 -8.73
N GLY B 327 -11.00 -3.66 -8.34
CA GLY B 327 -10.88 -2.33 -8.92
C GLY B 327 -11.28 -2.25 -10.37
N TYR B 328 -12.15 -3.14 -10.84
CA TYR B 328 -12.55 -3.10 -12.24
C TYR B 328 -13.68 -2.11 -12.44
N THR B 329 -13.65 -1.44 -13.58
CA THR B 329 -14.67 -0.54 -14.04
C THR B 329 -15.16 -1.04 -15.39
N ARG B 330 -16.18 -0.37 -15.94
CA ARG B 330 -16.68 -0.74 -17.26
C ARG B 330 -15.55 -0.74 -18.29
N GLU B 331 -14.67 0.27 -18.22
CA GLU B 331 -13.60 0.37 -19.21
C GLU B 331 -12.50 -0.65 -18.97
N LEU B 332 -12.12 -0.88 -17.71
CA LEU B 332 -11.06 -1.85 -17.44
C LEU B 332 -11.54 -3.28 -17.69
N GLY B 333 -12.83 -3.55 -17.52
CA GLY B 333 -13.34 -4.88 -17.79
C GLY B 333 -13.33 -5.20 -19.27
N ILE B 334 -13.79 -4.24 -20.09
CA ILE B 334 -13.71 -4.39 -21.54
C ILE B 334 -12.28 -4.71 -21.96
N GLU B 335 -11.31 -3.95 -21.46
CA GLU B 335 -9.93 -4.13 -21.90
C GLU B 335 -9.33 -5.44 -21.41
N ALA B 336 -9.71 -5.92 -20.22
CA ALA B 336 -9.21 -7.23 -19.76
C ALA B 336 -9.63 -8.34 -20.70
N VAL B 337 -10.90 -8.36 -21.11
CA VAL B 337 -11.38 -9.42 -21.99
C VAL B 337 -10.85 -9.22 -23.41
N ALA B 338 -10.78 -7.97 -23.87
CA ALA B 338 -10.33 -7.68 -25.23
C ALA B 338 -8.89 -8.15 -25.46
N GLN B 339 -8.00 -7.91 -24.50
CA GLN B 339 -6.60 -8.29 -24.62
C GLN B 339 -6.34 -9.75 -24.26
N GLY B 340 -7.38 -10.52 -23.91
CA GLY B 340 -7.19 -11.90 -23.48
C GLY B 340 -6.65 -12.08 -22.08
N ASP B 341 -6.82 -11.07 -21.21
CA ASP B 341 -6.26 -11.16 -19.85
C ASP B 341 -7.12 -12.01 -18.92
N ALA B 342 -8.43 -12.06 -19.19
CA ALA B 342 -9.34 -12.86 -18.39
C ALA B 342 -10.54 -13.24 -19.24
N ASP B 343 -11.16 -14.37 -18.89
CA ASP B 343 -12.41 -14.77 -19.52
C ASP B 343 -13.62 -14.10 -18.90
N LEU B 344 -13.58 -13.85 -17.59
CA LEU B 344 -14.70 -13.26 -16.86
C LEU B 344 -14.16 -12.23 -15.89
N VAL B 345 -14.96 -11.20 -15.62
CA VAL B 345 -14.58 -10.11 -14.74
C VAL B 345 -15.65 -9.98 -13.66
N SER B 346 -15.25 -10.12 -12.40
CA SER B 346 -16.22 -9.96 -11.33
C SER B 346 -16.15 -8.55 -10.77
N TYR B 347 -17.31 -7.98 -10.47
CA TYR B 347 -17.47 -6.65 -9.90
C TYR B 347 -18.04 -6.76 -8.50
N GLY B 348 -17.50 -5.95 -7.58
CA GLY B 348 -17.99 -5.93 -6.22
C GLY B 348 -18.74 -4.66 -5.87
N ARG B 349 -18.01 -3.57 -5.61
CA ARG B 349 -18.65 -2.35 -5.10
C ARG B 349 -19.68 -1.78 -6.07
N LEU B 350 -19.39 -1.80 -7.37
CA LEU B 350 -20.40 -1.26 -8.29
C LEU B 350 -21.64 -2.14 -8.33
N PHE B 351 -21.50 -3.43 -8.07
CA PHE B 351 -22.65 -4.33 -8.01
C PHE B 351 -23.45 -4.14 -6.71
N ILE B 352 -22.79 -3.69 -5.63
CA ILE B 352 -23.53 -3.32 -4.42
C ILE B 352 -24.60 -2.28 -4.76
N SER B 353 -24.20 -1.20 -5.43
CA SER B 353 -25.06 -0.03 -5.58
C SER B 353 -25.87 -0.06 -6.88
N ASN B 354 -25.58 -1.00 -7.78
CA ASN B 354 -26.32 -1.13 -9.04
C ASN B 354 -26.83 -2.56 -9.17
N PRO B 355 -28.08 -2.79 -8.76
CA PRO B 355 -28.67 -4.13 -8.97
C PRO B 355 -28.64 -4.55 -10.43
N ASP B 356 -28.91 -3.62 -11.35
CA ASP B 356 -28.85 -3.86 -12.78
C ASP B 356 -27.54 -3.38 -13.39
N LEU B 357 -26.42 -3.63 -12.70
CA LEU B 357 -25.11 -3.25 -13.22
C LEU B 357 -24.88 -3.83 -14.60
N VAL B 358 -25.31 -5.07 -14.83
CA VAL B 358 -25.16 -5.71 -16.13
C VAL B 358 -25.83 -4.87 -17.22
N MET B 359 -27.11 -4.55 -17.02
CA MET B 359 -27.84 -3.72 -17.97
C MET B 359 -27.19 -2.35 -18.10
N ARG B 360 -26.81 -1.73 -16.98
CA ARG B 360 -26.16 -0.44 -17.03
C ARG B 360 -24.87 -0.48 -17.82
N ILE B 361 -24.08 -1.55 -17.65
CA ILE B 361 -22.83 -1.69 -18.41
C ILE B 361 -23.12 -1.88 -19.90
N LYS B 362 -24.16 -2.65 -20.22
CA LYS B 362 -24.56 -2.79 -21.62
C LYS B 362 -24.88 -1.43 -22.24
N LEU B 363 -25.67 -0.62 -21.54
CA LEU B 363 -26.15 0.67 -22.04
C LEU B 363 -25.20 1.82 -21.75
N ASN B 364 -24.10 1.59 -21.02
CA ASN B 364 -23.18 2.64 -20.59
C ASN B 364 -23.93 3.75 -19.85
N ALA B 365 -24.90 3.36 -19.03
CA ALA B 365 -25.70 4.29 -18.26
C ALA B 365 -24.88 4.85 -17.09
N PRO B 366 -25.36 5.91 -16.44
CA PRO B 366 -24.76 6.33 -15.17
C PRO B 366 -24.85 5.22 -14.14
N LEU B 367 -23.85 5.16 -13.27
CA LEU B 367 -23.76 4.15 -12.23
C LEU B 367 -24.00 4.79 -10.87
N ASN B 368 -24.90 4.20 -10.07
CA ASN B 368 -25.11 4.66 -8.71
C ASN B 368 -23.80 4.60 -7.94
N LYS B 369 -23.64 5.52 -6.99
CA LYS B 369 -22.45 5.46 -6.16
C LYS B 369 -22.73 4.64 -4.90
N PRO B 370 -21.79 3.78 -4.48
CA PRO B 370 -22.00 2.98 -3.26
C PRO B 370 -21.86 3.83 -2.01
N ASN B 371 -22.63 3.46 -0.98
CA ASN B 371 -22.51 4.05 0.36
C ASN B 371 -21.77 3.05 1.24
N ARG B 372 -20.49 3.33 1.51
CA ARG B 372 -19.71 2.44 2.37
C ARG B 372 -20.36 2.24 3.74
N LYS B 373 -21.08 3.25 4.23
CA LYS B 373 -21.60 3.20 5.59
C LYS B 373 -22.52 2.00 5.82
N THR B 374 -23.20 1.53 4.77
CA THR B 374 -24.14 0.41 4.91
C THR B 374 -23.66 -0.86 4.23
N PHE B 375 -22.34 -1.00 3.99
CA PHE B 375 -21.83 -2.25 3.43
C PHE B 375 -22.08 -3.43 4.38
N TYR B 376 -21.89 -3.22 5.68
CA TYR B 376 -21.92 -4.30 6.66
C TYR B 376 -22.97 -4.10 7.75
N THR B 377 -24.01 -3.29 7.51
CA THR B 377 -25.08 -3.10 8.48
C THR B 377 -26.12 -4.21 8.32
N GLN B 378 -27.02 -4.32 9.30
CA GLN B 378 -27.92 -5.46 9.38
C GLN B 378 -29.29 -5.22 8.76
N ASP B 379 -29.55 -4.03 8.21
CA ASP B 379 -30.89 -3.75 7.71
C ASP B 379 -31.17 -4.58 6.46
N PRO B 380 -32.30 -5.30 6.41
CA PRO B 380 -32.59 -6.12 5.21
C PRO B 380 -32.90 -5.30 3.97
N VAL B 381 -33.08 -3.98 4.10
CA VAL B 381 -33.45 -3.12 2.97
C VAL B 381 -32.45 -1.99 2.79
N VAL B 382 -32.18 -1.23 3.84
CA VAL B 382 -31.42 0.01 3.71
C VAL B 382 -29.96 -0.30 3.41
N GLY B 383 -29.46 0.26 2.32
CA GLY B 383 -28.14 -0.04 1.83
C GLY B 383 -27.98 -1.40 1.20
N TYR B 384 -29.07 -2.15 1.03
CA TYR B 384 -29.00 -3.54 0.60
C TYR B 384 -29.87 -3.78 -0.62
N THR B 385 -31.18 -3.55 -0.50
CA THR B 385 -32.09 -3.77 -1.62
C THR B 385 -32.76 -2.51 -2.13
N ASP B 386 -32.42 -1.33 -1.59
CA ASP B 386 -33.09 -0.10 -2.02
C ASP B 386 -32.22 0.77 -2.93
N TYR B 387 -31.13 0.24 -3.48
CA TYR B 387 -30.44 0.96 -4.54
C TYR B 387 -31.30 0.90 -5.81
N PRO B 388 -31.44 2.01 -6.54
CA PRO B 388 -32.44 2.07 -7.61
C PRO B 388 -32.02 1.37 -8.88
N PHE B 389 -33.01 0.83 -9.58
CA PHE B 389 -32.86 0.36 -10.94
C PHE B 389 -32.89 1.55 -11.90
N LEU B 390 -32.54 1.29 -13.15
CA LEU B 390 -32.76 2.27 -14.21
C LEU B 390 -34.25 2.55 -14.34
N GLN B 391 -34.61 3.84 -14.37
CA GLN B 391 -36.03 4.23 -14.42
C GLN B 391 -36.50 4.46 -15.85
N1 FMN C . 11.42 13.16 0.09
C2 FMN C . 12.70 13.66 0.27
O2 FMN C . 13.14 13.73 1.41
N3 FMN C . 13.48 14.09 -0.80
C4 FMN C . 12.99 14.03 -2.08
O4 FMN C . 13.69 14.45 -3.04
C4A FMN C . 11.71 13.54 -2.27
N5 FMN C . 11.20 13.45 -3.54
C5A FMN C . 9.90 13.04 -3.75
C6 FMN C . 9.39 13.01 -5.04
C7 FMN C . 8.08 12.56 -5.26
C7M FMN C . 7.58 12.54 -6.68
C8 FMN C . 7.30 12.14 -4.18
C8M FMN C . 5.87 11.67 -4.37
C9 FMN C . 7.81 12.20 -2.89
C9A FMN C . 9.11 12.64 -2.67
N10 FMN C . 9.64 12.67 -1.40
C10 FMN C . 10.92 13.13 -1.20
C1' FMN C . 8.81 12.32 -0.20
C2' FMN C . 8.05 13.62 0.11
O2' FMN C . 8.95 14.64 0.51
C3' FMN C . 6.95 13.55 1.19
O3' FMN C . 7.46 12.98 2.38
C4' FMN C . 5.72 12.76 0.75
O4' FMN C . 5.44 13.09 -0.60
C5' FMN C . 4.58 13.20 1.65
O5' FMN C . 3.46 12.38 1.41
P FMN C . 2.26 12.94 0.51
O1P FMN C . 2.71 12.90 -0.94
O2P FMN C . 2.00 14.37 0.90
O3P FMN C . 1.06 12.04 0.72
N1 FMN D . -14.15 -11.35 -1.47
C2 FMN D . -14.29 -12.66 -1.10
O2 FMN D . -13.57 -13.50 -1.64
N3 FMN D . -15.20 -13.01 -0.10
C4 FMN D . -15.98 -12.05 0.50
O4 FMN D . -16.81 -12.36 1.37
C4A FMN D . -15.84 -10.71 0.09
N5 FMN D . -16.61 -9.74 0.68
C5A FMN D . -16.51 -8.41 0.28
C6 FMN D . -17.30 -7.45 0.88
C7 FMN D . -17.20 -6.11 0.48
C7M FMN D . -18.06 -5.06 1.11
C8 FMN D . -16.29 -5.76 -0.52
C8M FMN D . -16.16 -4.31 -0.96
C9 FMN D . -15.50 -6.72 -1.11
C9A FMN D . -15.60 -8.07 -0.72
N10 FMN D . -14.80 -9.04 -1.29
C10 FMN D . -14.93 -10.37 -0.90
C1' FMN D . -13.85 -8.69 -2.41
C2' FMN D . -14.76 -8.75 -3.65
O2' FMN D . -15.18 -10.06 -3.93
C3' FMN D . -14.14 -8.23 -4.92
O3' FMN D . -12.93 -8.92 -5.17
C4' FMN D . -13.91 -6.74 -4.90
O4' FMN D . -15.06 -6.08 -4.42
C5' FMN D . -13.64 -6.34 -6.36
O5' FMN D . -13.16 -5.01 -6.47
P FMN D . -14.25 -3.86 -6.75
O1P FMN D . -15.16 -4.32 -7.87
O2P FMN D . -13.53 -2.61 -7.22
O3P FMN D . -15.08 -3.60 -5.52
#